data_1PKE
#
_entry.id   1PKE
#
_cell.length_a   122.700
_cell.length_b   122.700
_cell.length_c   243.700
_cell.angle_alpha   90.00
_cell.angle_beta   90.00
_cell.angle_gamma   120.00
#
_symmetry.space_group_name_H-M   'P 61 2 2'
#
loop_
_entity.id
_entity.type
_entity.pdbx_description
1 polymer 'Purine nucleoside phosphorylase DeoD-type'
2 non-polymer 'PHOSPHATE ION'
3 non-polymer 5-(6-AMINO-2-FLUORO-PURIN-9-YL)-2-HYDROXYMETHYL-TETRAHYDRO-FURAN-3-OL
4 water water
#
_entity_poly.entity_id   1
_entity_poly.type   'polypeptide(L)'
_entity_poly.pdbx_seq_one_letter_code
;ATPHINAEMGDFADVVLMPGDPLRAKYIAETFLEDAREVNNVRGMLGFTGTYKGRKISVMGHGMGIPSCSIYTKELITDF
GVKKIIRVGSCGAVLPHVKLRDVVIGMGACTDSKVNRIRFKDHDFAAIADFDMVRNAVDAAKALGIDARVGNLFSADLFY
SPDGEMFDVMEKYGILGVEMEAAGIYGVAAEFGAKALTICTVSDHIRTHEQTTAAERQTTFNDMIKIALESVLLGDK
;
_entity_poly.pdbx_strand_id   A,B,C
#
# COMPACT_ATOMS: atom_id res chain seq x y z
N ALA A 1 14.40 -36.89 -2.27
CA ALA A 1 13.75 -36.33 -3.49
C ALA A 1 12.71 -35.28 -3.12
N THR A 2 12.75 -34.14 -3.80
CA THR A 2 11.78 -33.09 -3.55
C THR A 2 10.89 -32.94 -4.77
N PRO A 3 9.78 -32.19 -4.65
CA PRO A 3 8.84 -31.99 -5.77
C PRO A 3 9.48 -31.57 -7.10
N HIS A 4 10.54 -30.76 -7.04
CA HIS A 4 11.17 -30.30 -8.28
C HIS A 4 12.59 -30.80 -8.49
N ILE A 5 13.10 -31.58 -7.54
CA ILE A 5 14.46 -32.13 -7.68
C ILE A 5 14.46 -33.57 -7.22
N ASN A 6 14.59 -34.48 -8.18
CA ASN A 6 14.61 -35.90 -7.88
C ASN A 6 16.03 -36.39 -7.59
N ALA A 7 16.45 -36.23 -6.35
CA ALA A 7 17.79 -36.64 -5.92
C ALA A 7 17.79 -36.85 -4.41
N GLU A 8 18.92 -37.31 -3.88
CA GLU A 8 19.05 -37.54 -2.44
C GLU A 8 20.20 -36.75 -1.81
N MET A 9 20.13 -36.56 -0.50
CA MET A 9 21.15 -35.83 0.23
C MET A 9 22.52 -36.32 -0.17
N GLY A 10 23.39 -35.40 -0.60
CA GLY A 10 24.72 -35.79 -1.00
C GLY A 10 25.00 -35.65 -2.49
N ASP A 11 23.96 -35.60 -3.33
CA ASP A 11 24.17 -35.47 -4.78
C ASP A 11 24.64 -34.08 -5.20
N PHE A 12 24.31 -33.06 -4.41
CA PHE A 12 24.73 -31.70 -4.71
C PHE A 12 25.86 -31.29 -3.77
N ALA A 13 26.78 -30.47 -4.23
CA ALA A 13 27.89 -29.98 -3.40
C ALA A 13 27.28 -28.95 -2.43
N ASP A 14 28.09 -28.41 -1.52
CA ASP A 14 27.55 -27.41 -0.60
C ASP A 14 27.54 -26.04 -1.25
N VAL A 15 27.97 -25.99 -2.51
CA VAL A 15 28.03 -24.74 -3.30
C VAL A 15 27.43 -25.03 -4.68
N VAL A 16 26.46 -24.21 -5.08
CA VAL A 16 25.79 -24.40 -6.37
C VAL A 16 25.80 -23.15 -7.24
N LEU A 17 26.17 -23.31 -8.50
CA LEU A 17 26.20 -22.24 -9.49
C LEU A 17 24.87 -22.37 -10.24
N MET A 18 24.18 -21.25 -10.48
CA MET A 18 22.89 -21.32 -11.16
C MET A 18 22.64 -20.27 -12.24
N PRO A 19 22.59 -20.69 -13.51
CA PRO A 19 22.34 -19.73 -14.58
C PRO A 19 20.82 -19.65 -14.86
N GLY A 20 20.39 -18.57 -15.50
CA GLY A 20 18.97 -18.42 -15.80
C GLY A 20 18.56 -19.32 -16.95
N ASP A 21 19.44 -19.43 -17.94
CA ASP A 21 19.20 -20.28 -19.11
C ASP A 21 19.59 -21.72 -18.76
N PRO A 22 18.61 -22.64 -18.74
CA PRO A 22 18.86 -24.05 -18.41
C PRO A 22 19.93 -24.73 -19.27
N LEU A 23 20.07 -24.26 -20.51
CA LEU A 23 21.05 -24.82 -21.42
C LEU A 23 22.50 -24.48 -21.03
N ARG A 24 22.67 -23.56 -20.08
CA ARG A 24 24.01 -23.16 -19.63
C ARG A 24 24.65 -24.14 -18.65
N ALA A 25 23.83 -24.93 -17.96
CA ALA A 25 24.33 -25.90 -16.99
C ALA A 25 25.23 -26.99 -17.60
N LYS A 26 24.76 -27.64 -18.66
CA LYS A 26 25.54 -28.68 -19.32
C LYS A 26 26.81 -28.09 -19.93
N TYR A 27 26.72 -26.87 -20.44
CA TYR A 27 27.89 -26.21 -21.03
C TYR A 27 28.98 -26.00 -19.99
N ILE A 28 28.58 -25.47 -18.83
CA ILE A 28 29.50 -25.21 -17.72
C ILE A 28 30.13 -26.47 -17.18
N ALA A 29 29.32 -27.53 -17.04
CA ALA A 29 29.78 -28.81 -16.52
C ALA A 29 30.88 -29.41 -17.38
N GLU A 30 30.66 -29.44 -18.69
CA GLU A 30 31.65 -30.01 -19.60
C GLU A 30 32.78 -29.06 -19.99
N THR A 31 32.62 -27.77 -19.71
CA THR A 31 33.65 -26.81 -20.06
C THR A 31 34.52 -26.39 -18.88
N PHE A 32 33.99 -26.46 -17.65
CA PHE A 32 34.77 -26.05 -16.48
C PHE A 32 34.93 -27.09 -15.39
N LEU A 33 34.02 -28.05 -15.31
CA LEU A 33 34.12 -29.05 -14.25
C LEU A 33 34.76 -30.36 -14.68
N GLU A 34 35.33 -31.07 -13.71
CA GLU A 34 35.97 -32.35 -13.94
C GLU A 34 35.02 -33.42 -13.43
N ASP A 35 35.10 -34.61 -14.03
CA ASP A 35 34.29 -35.77 -13.64
C ASP A 35 32.83 -35.47 -13.30
N ALA A 36 32.17 -34.68 -14.15
CA ALA A 36 30.77 -34.33 -13.92
C ALA A 36 29.81 -35.50 -14.13
N ARG A 37 28.75 -35.52 -13.33
CA ARG A 37 27.74 -36.57 -13.42
C ARG A 37 26.37 -35.88 -13.29
N GLU A 38 25.35 -36.42 -13.96
CA GLU A 38 24.02 -35.82 -13.90
C GLU A 38 23.28 -36.18 -12.60
N VAL A 39 22.62 -35.19 -12.00
CA VAL A 39 21.89 -35.44 -10.75
C VAL A 39 20.43 -35.00 -10.73
N ASN A 40 19.95 -34.38 -11.82
CA ASN A 40 18.56 -33.96 -11.88
C ASN A 40 18.10 -33.75 -13.32
N ASN A 41 16.81 -33.98 -13.56
CA ASN A 41 16.22 -33.80 -14.89
C ASN A 41 14.71 -33.56 -14.83
N VAL A 42 14.17 -33.41 -13.62
CA VAL A 42 12.74 -33.15 -13.47
C VAL A 42 12.35 -31.85 -14.18
N ARG A 43 11.28 -31.88 -14.96
CA ARG A 43 10.82 -30.71 -15.72
C ARG A 43 11.90 -30.21 -16.67
N GLY A 44 12.94 -31.02 -16.86
CA GLY A 44 14.02 -30.64 -17.76
C GLY A 44 15.04 -29.68 -17.18
N MET A 45 15.07 -29.52 -15.86
CA MET A 45 16.04 -28.63 -15.24
C MET A 45 17.21 -29.53 -14.84
N LEU A 46 18.18 -29.64 -15.75
CA LEU A 46 19.36 -30.50 -15.57
C LEU A 46 20.39 -29.97 -14.59
N GLY A 47 20.76 -30.83 -13.64
CA GLY A 47 21.75 -30.47 -12.63
C GLY A 47 22.97 -31.38 -12.72
N PHE A 48 24.14 -30.82 -12.43
CA PHE A 48 25.40 -31.57 -12.50
C PHE A 48 26.29 -31.30 -11.29
N THR A 49 27.13 -32.28 -10.96
CA THR A 49 28.07 -32.18 -9.85
C THR A 49 29.44 -32.75 -10.29
N GLY A 50 30.49 -31.96 -10.06
CA GLY A 50 31.84 -32.35 -10.41
C GLY A 50 32.81 -31.59 -9.53
N THR A 51 34.06 -31.46 -9.97
CA THR A 51 35.06 -30.73 -9.19
C THR A 51 35.84 -29.70 -9.98
N TYR A 52 36.27 -28.64 -9.30
CA TYR A 52 37.06 -27.59 -9.93
C TYR A 52 38.29 -27.41 -9.06
N LYS A 53 39.44 -27.79 -9.61
CA LYS A 53 40.71 -27.74 -8.90
C LYS A 53 40.57 -28.47 -7.57
N GLY A 54 39.95 -29.64 -7.64
CA GLY A 54 39.74 -30.48 -6.47
C GLY A 54 38.51 -30.18 -5.64
N ARG A 55 37.94 -28.99 -5.78
CA ARG A 55 36.78 -28.57 -5.01
C ARG A 55 35.46 -29.09 -5.58
N LYS A 56 34.60 -29.62 -4.72
CA LYS A 56 33.31 -30.14 -5.14
C LYS A 56 32.34 -29.00 -5.50
N ILE A 57 31.76 -29.04 -6.69
CA ILE A 57 30.82 -28.00 -7.13
C ILE A 57 29.68 -28.54 -8.00
N SER A 58 28.52 -27.88 -7.93
CA SER A 58 27.33 -28.25 -8.70
C SER A 58 26.80 -27.07 -9.51
N VAL A 59 26.11 -27.37 -10.60
CA VAL A 59 25.52 -26.36 -11.46
C VAL A 59 24.16 -26.83 -11.94
N MET A 60 23.19 -25.90 -11.96
CA MET A 60 21.82 -26.17 -12.41
C MET A 60 21.06 -24.85 -12.57
N GLY A 61 20.26 -24.76 -13.63
CA GLY A 61 19.49 -23.55 -13.89
C GLY A 61 18.36 -23.29 -12.91
N HIS A 62 17.85 -22.06 -12.88
CA HIS A 62 16.77 -21.70 -11.97
C HIS A 62 15.49 -21.16 -12.65
N GLY A 63 15.56 -20.89 -13.95
CA GLY A 63 14.41 -20.36 -14.67
C GLY A 63 14.24 -18.86 -14.45
N MET A 64 13.56 -18.18 -15.37
CA MET A 64 13.37 -16.72 -15.25
C MET A 64 12.32 -16.33 -14.22
N GLY A 65 12.63 -15.33 -13.40
CA GLY A 65 11.68 -14.86 -12.41
C GLY A 65 11.83 -15.31 -10.97
N ILE A 66 11.48 -14.41 -10.05
CA ILE A 66 11.56 -14.66 -8.62
C ILE A 66 10.83 -15.91 -8.14
N PRO A 67 9.57 -16.12 -8.60
CA PRO A 67 8.84 -17.31 -8.16
C PRO A 67 9.57 -18.62 -8.45
N SER A 68 10.14 -18.73 -9.65
CA SER A 68 10.84 -19.95 -10.02
C SER A 68 12.12 -20.20 -9.23
N CYS A 69 13.04 -19.24 -9.21
CA CYS A 69 14.28 -19.46 -8.48
C CYS A 69 14.07 -19.59 -6.98
N SER A 70 12.93 -19.15 -6.47
CA SER A 70 12.64 -19.28 -5.03
C SER A 70 12.39 -20.74 -4.69
N ILE A 71 11.75 -21.45 -5.60
CA ILE A 71 11.47 -22.87 -5.41
C ILE A 71 12.78 -23.65 -5.35
N TYR A 72 13.61 -23.50 -6.38
CA TYR A 72 14.88 -24.22 -6.43
C TYR A 72 15.86 -23.87 -5.31
N THR A 73 16.14 -22.59 -5.10
CA THR A 73 17.08 -22.22 -4.04
C THR A 73 16.62 -22.74 -2.66
N LYS A 74 15.32 -22.70 -2.40
CA LYS A 74 14.82 -23.16 -1.12
C LYS A 74 14.93 -24.68 -0.91
N GLU A 75 14.60 -25.47 -1.92
CA GLU A 75 14.70 -26.94 -1.79
C GLU A 75 16.17 -27.38 -1.61
N LEU A 76 17.08 -26.72 -2.31
CA LEU A 76 18.51 -27.03 -2.22
C LEU A 76 19.03 -26.75 -0.80
N ILE A 77 18.61 -25.62 -0.24
CA ILE A 77 19.06 -25.24 1.10
C ILE A 77 18.49 -26.10 2.21
N THR A 78 17.19 -26.39 2.17
CA THR A 78 16.59 -27.18 3.23
C THR A 78 16.66 -28.70 3.09
N ASP A 79 16.77 -29.21 1.86
CA ASP A 79 16.80 -30.66 1.68
C ASP A 79 18.10 -31.28 1.16
N PHE A 80 19.00 -30.47 0.63
CA PHE A 80 20.25 -31.01 0.12
C PHE A 80 21.47 -30.41 0.79
N GLY A 81 21.23 -29.64 1.85
CA GLY A 81 22.31 -29.04 2.62
C GLY A 81 23.22 -28.04 1.94
N VAL A 82 22.72 -27.35 0.92
CA VAL A 82 23.53 -26.36 0.22
C VAL A 82 23.74 -25.13 1.12
N LYS A 83 24.98 -24.66 1.19
CA LYS A 83 25.34 -23.52 2.03
C LYS A 83 25.54 -22.21 1.28
N LYS A 84 25.86 -22.29 -0.02
CA LYS A 84 26.09 -21.10 -0.84
C LYS A 84 25.47 -21.22 -2.22
N ILE A 85 24.79 -20.16 -2.64
CA ILE A 85 24.16 -20.09 -3.95
C ILE A 85 24.75 -18.90 -4.70
N ILE A 86 25.23 -19.13 -5.93
CA ILE A 86 25.77 -18.06 -6.76
C ILE A 86 25.03 -18.03 -8.10
N ARG A 87 24.27 -16.96 -8.34
CA ARG A 87 23.56 -16.83 -9.61
C ARG A 87 24.52 -16.19 -10.61
N VAL A 88 24.57 -16.74 -11.82
CA VAL A 88 25.43 -16.19 -12.87
C VAL A 88 24.56 -15.88 -14.09
N GLY A 89 24.28 -14.60 -14.32
CA GLY A 89 23.44 -14.25 -15.45
C GLY A 89 23.75 -12.97 -16.19
N SER A 90 22.71 -12.39 -16.80
CA SER A 90 22.83 -11.16 -17.57
C SER A 90 21.88 -10.11 -17.02
N CYS A 91 22.09 -8.86 -17.40
CA CYS A 91 21.24 -7.77 -16.96
C CYS A 91 21.26 -6.64 -17.97
N GLY A 92 20.37 -5.67 -17.79
CA GLY A 92 20.32 -4.52 -18.68
C GLY A 92 20.73 -3.30 -17.88
N ALA A 93 21.45 -2.37 -18.47
CA ALA A 93 21.91 -1.19 -17.76
C ALA A 93 21.10 0.08 -18.03
N VAL A 94 21.06 0.98 -17.05
CA VAL A 94 20.34 2.25 -17.21
C VAL A 94 21.26 3.46 -17.01
N LEU A 95 22.48 3.21 -16.53
CA LEU A 95 23.45 4.28 -16.30
C LEU A 95 24.34 4.48 -17.52
N PRO A 96 24.57 5.75 -17.91
CA PRO A 96 25.40 6.08 -19.07
C PRO A 96 26.82 5.52 -19.02
N HIS A 97 27.45 5.59 -17.85
CA HIS A 97 28.82 5.11 -17.68
C HIS A 97 28.98 3.60 -17.51
N VAL A 98 27.89 2.85 -17.60
CA VAL A 98 27.96 1.39 -17.49
C VAL A 98 27.84 0.86 -18.92
N LYS A 99 28.91 0.24 -19.41
CA LYS A 99 28.95 -0.27 -20.78
C LYS A 99 28.66 -1.76 -20.98
N LEU A 100 28.31 -2.11 -22.22
CA LEU A 100 28.02 -3.49 -22.56
C LEU A 100 29.18 -4.39 -22.14
N ARG A 101 28.85 -5.61 -21.71
CA ARG A 101 29.83 -6.61 -21.30
C ARG A 101 30.47 -6.34 -19.94
N ASP A 102 30.02 -5.30 -19.25
CA ASP A 102 30.58 -5.01 -17.93
C ASP A 102 30.11 -6.09 -16.97
N VAL A 103 30.93 -6.38 -15.96
CA VAL A 103 30.61 -7.37 -14.94
C VAL A 103 30.12 -6.61 -13.69
N VAL A 104 28.93 -6.93 -13.20
CA VAL A 104 28.42 -6.27 -12.01
C VAL A 104 28.09 -7.28 -10.90
N ILE A 105 28.43 -6.91 -9.67
CA ILE A 105 28.20 -7.75 -8.51
C ILE A 105 27.16 -7.06 -7.63
N GLY A 106 26.05 -7.74 -7.39
CA GLY A 106 24.99 -7.14 -6.61
C GLY A 106 25.11 -7.30 -5.10
N MET A 107 25.55 -6.25 -4.43
CA MET A 107 25.67 -6.31 -2.97
C MET A 107 24.26 -6.24 -2.39
N GLY A 108 23.37 -5.56 -3.12
CA GLY A 108 22.00 -5.42 -2.69
C GLY A 108 21.09 -5.50 -3.89
N ALA A 109 19.81 -5.77 -3.67
CA ALA A 109 18.87 -5.87 -4.77
C ALA A 109 17.54 -5.23 -4.45
N CYS A 110 17.13 -4.24 -5.24
CA CYS A 110 15.86 -3.57 -5.05
C CYS A 110 14.85 -4.41 -5.84
N THR A 111 13.56 -4.14 -5.66
CA THR A 111 12.54 -4.90 -6.39
C THR A 111 11.17 -4.26 -6.33
N ASP A 112 10.30 -4.69 -7.25
CA ASP A 112 8.93 -4.23 -7.30
C ASP A 112 8.03 -5.42 -6.93
N SER A 113 8.66 -6.50 -6.48
CA SER A 113 7.96 -7.70 -6.04
C SER A 113 7.43 -7.51 -4.62
N LYS A 114 6.52 -8.38 -4.21
CA LYS A 114 5.93 -8.28 -2.88
C LYS A 114 6.37 -9.43 -1.97
N VAL A 115 7.21 -10.33 -2.48
CA VAL A 115 7.66 -11.48 -1.70
C VAL A 115 8.27 -11.12 -0.34
N ASN A 116 9.18 -10.15 -0.33
CA ASN A 116 9.83 -9.75 0.91
C ASN A 116 8.90 -9.02 1.87
N ARG A 117 7.94 -8.24 1.36
CA ARG A 117 6.99 -7.56 2.25
C ARG A 117 6.11 -8.60 2.93
N ILE A 118 5.82 -9.68 2.22
CA ILE A 118 5.02 -10.76 2.78
C ILE A 118 5.78 -11.44 3.92
N ARG A 119 7.11 -11.44 3.81
CA ARG A 119 7.99 -12.05 4.82
C ARG A 119 8.26 -11.10 5.98
N PHE A 120 8.44 -9.83 5.67
CA PHE A 120 8.77 -8.83 6.68
C PHE A 120 7.61 -7.96 7.17
N LYS A 121 6.47 -8.58 7.42
CA LYS A 121 5.26 -7.90 7.90
C LYS A 121 5.00 -6.54 7.24
N ASP A 122 5.10 -6.51 5.92
CA ASP A 122 4.89 -5.33 5.10
C ASP A 122 5.82 -4.16 5.35
N HIS A 123 7.03 -4.44 5.84
CA HIS A 123 8.02 -3.39 6.06
C HIS A 123 9.13 -3.53 5.03
N ASP A 124 10.17 -2.71 5.16
CA ASP A 124 11.28 -2.75 4.20
C ASP A 124 12.44 -3.64 4.64
N PHE A 125 12.60 -4.75 3.93
CA PHE A 125 13.70 -5.69 4.20
C PHE A 125 14.78 -5.43 3.17
N ALA A 126 15.98 -5.07 3.61
CA ALA A 126 17.08 -4.82 2.68
C ALA A 126 17.65 -6.17 2.24
N ALA A 127 17.34 -6.59 1.02
CA ALA A 127 17.85 -7.86 0.50
C ALA A 127 19.30 -7.65 0.08
N ILE A 128 20.22 -8.25 0.82
CA ILE A 128 21.65 -8.11 0.55
C ILE A 128 22.38 -9.45 0.38
N ALA A 129 23.57 -9.41 -0.22
CA ALA A 129 24.38 -10.60 -0.42
C ALA A 129 25.24 -10.82 0.81
N ASP A 130 26.01 -11.93 0.83
CA ASP A 130 26.92 -12.22 1.93
C ASP A 130 28.18 -11.39 1.64
N PHE A 131 28.59 -10.55 2.58
CA PHE A 131 29.76 -9.70 2.36
C PHE A 131 31.04 -10.40 1.91
N ASP A 132 31.39 -11.51 2.55
CA ASP A 132 32.59 -12.23 2.18
C ASP A 132 32.53 -12.74 0.75
N MET A 133 31.37 -13.27 0.35
CA MET A 133 31.21 -13.77 -1.00
C MET A 133 31.41 -12.65 -2.02
N VAL A 134 30.93 -11.44 -1.68
CA VAL A 134 31.08 -10.29 -2.57
C VAL A 134 32.55 -9.93 -2.69
N ARG A 135 33.25 -9.91 -1.55
CA ARG A 135 34.68 -9.59 -1.55
C ARG A 135 35.50 -10.63 -2.31
N ASN A 136 35.15 -11.91 -2.14
CA ASN A 136 35.85 -12.99 -2.83
C ASN A 136 35.74 -12.77 -4.34
N ALA A 137 34.55 -12.37 -4.80
CA ALA A 137 34.30 -12.15 -6.22
C ALA A 137 35.11 -10.98 -6.77
N VAL A 138 35.19 -9.91 -5.98
CA VAL A 138 35.93 -8.72 -6.37
C VAL A 138 37.42 -9.03 -6.50
N ASP A 139 37.95 -9.80 -5.56
CA ASP A 139 39.35 -10.18 -5.58
C ASP A 139 39.68 -11.17 -6.70
N ALA A 140 38.78 -12.11 -6.96
CA ALA A 140 39.00 -13.08 -8.02
C ALA A 140 39.06 -12.34 -9.35
N ALA A 141 38.16 -11.37 -9.52
CA ALA A 141 38.11 -10.57 -10.74
C ALA A 141 39.40 -9.78 -10.95
N LYS A 142 39.89 -9.13 -9.90
CA LYS A 142 41.11 -8.34 -10.00
C LYS A 142 42.30 -9.23 -10.44
N ALA A 143 42.37 -10.42 -9.86
CA ALA A 143 43.42 -11.38 -10.17
C ALA A 143 43.36 -11.80 -11.64
N LEU A 144 42.18 -11.72 -12.24
CA LEU A 144 42.03 -12.08 -13.65
C LEU A 144 42.13 -10.82 -14.50
N GLY A 145 42.52 -9.72 -13.86
CA GLY A 145 42.65 -8.47 -14.58
C GLY A 145 41.34 -7.92 -15.11
N ILE A 146 40.27 -8.10 -14.35
CA ILE A 146 38.94 -7.62 -14.73
C ILE A 146 38.40 -6.76 -13.60
N ASP A 147 37.98 -5.54 -13.91
CA ASP A 147 37.46 -4.65 -12.88
C ASP A 147 35.93 -4.71 -12.80
N ALA A 148 35.43 -5.22 -11.67
CA ALA A 148 33.99 -5.38 -11.46
C ALA A 148 33.36 -4.23 -10.69
N ARG A 149 32.13 -3.88 -11.05
CA ARG A 149 31.38 -2.82 -10.39
C ARG A 149 30.52 -3.45 -9.30
N VAL A 150 30.56 -2.89 -8.10
CA VAL A 150 29.79 -3.43 -7.00
C VAL A 150 28.72 -2.40 -6.63
N GLY A 151 27.47 -2.85 -6.46
CA GLY A 151 26.40 -1.93 -6.12
C GLY A 151 25.00 -2.53 -6.07
N ASN A 152 24.00 -1.70 -6.34
CA ASN A 152 22.62 -2.15 -6.30
C ASN A 152 22.10 -2.68 -7.62
N LEU A 153 21.28 -3.72 -7.52
CA LEU A 153 20.66 -4.36 -8.67
C LEU A 153 19.16 -4.13 -8.47
N PHE A 154 18.37 -4.33 -9.52
CA PHE A 154 16.92 -4.19 -9.42
C PHE A 154 16.27 -5.42 -10.04
N SER A 155 15.49 -6.16 -9.23
CA SER A 155 14.82 -7.36 -9.71
C SER A 155 13.37 -7.01 -10.08
N ALA A 156 13.09 -7.03 -11.38
CA ALA A 156 11.77 -6.71 -11.90
C ALA A 156 10.86 -7.93 -12.00
N ASP A 157 9.56 -7.72 -11.81
CA ASP A 157 8.59 -8.80 -11.93
C ASP A 157 8.03 -8.78 -13.36
N LEU A 158 8.09 -7.61 -14.00
CA LEU A 158 7.61 -7.47 -15.37
C LEU A 158 8.72 -6.98 -16.29
N PHE A 159 9.17 -7.89 -17.17
CA PHE A 159 10.21 -7.57 -18.14
C PHE A 159 9.69 -6.44 -19.02
N TYR A 160 8.40 -6.48 -19.33
CA TYR A 160 7.73 -5.43 -20.13
C TYR A 160 6.83 -4.65 -19.16
N SER A 161 7.37 -3.60 -18.57
CA SER A 161 6.63 -2.78 -17.61
C SER A 161 5.72 -1.76 -18.27
N PRO A 162 4.50 -1.59 -17.74
CA PRO A 162 3.54 -0.64 -18.31
C PRO A 162 4.02 0.81 -18.18
N ASP A 163 4.89 1.08 -17.22
CA ASP A 163 5.39 2.44 -17.02
C ASP A 163 6.91 2.50 -17.20
N GLY A 164 7.36 3.41 -18.04
CA GLY A 164 8.79 3.54 -18.28
C GLY A 164 9.52 4.56 -17.42
N GLU A 165 8.78 5.35 -16.66
CA GLU A 165 9.42 6.37 -15.82
C GLU A 165 10.29 5.76 -14.72
N MET A 166 9.97 4.54 -14.31
CA MET A 166 10.73 3.86 -13.26
C MET A 166 12.22 3.73 -13.62
N PHE A 167 12.52 3.76 -14.92
CA PHE A 167 13.90 3.67 -15.36
C PHE A 167 14.69 4.92 -15.00
N ASP A 168 14.03 6.07 -15.05
CA ASP A 168 14.68 7.33 -14.70
C ASP A 168 14.99 7.33 -13.22
N VAL A 169 14.06 6.78 -12.44
CA VAL A 169 14.21 6.68 -10.99
C VAL A 169 15.35 5.73 -10.61
N MET A 170 15.48 4.63 -11.35
CA MET A 170 16.54 3.65 -11.08
C MET A 170 17.90 4.28 -11.33
N GLU A 171 17.98 5.07 -12.40
CA GLU A 171 19.20 5.75 -12.79
C GLU A 171 19.59 6.80 -11.74
N LYS A 172 18.59 7.50 -11.23
CA LYS A 172 18.82 8.52 -10.23
C LYS A 172 19.39 7.95 -8.94
N TYR A 173 19.02 6.72 -8.61
CA TYR A 173 19.51 6.09 -7.39
C TYR A 173 20.67 5.13 -7.54
N GLY A 174 21.33 5.20 -8.70
CA GLY A 174 22.51 4.37 -8.94
C GLY A 174 22.38 2.89 -9.26
N ILE A 175 21.19 2.42 -9.62
CA ILE A 175 21.05 1.00 -9.95
C ILE A 175 22.01 0.63 -11.08
N LEU A 176 22.80 -0.42 -10.87
CA LEU A 176 23.78 -0.85 -11.87
C LEU A 176 23.20 -1.70 -12.99
N GLY A 177 22.27 -2.60 -12.66
CA GLY A 177 21.68 -3.45 -13.67
C GLY A 177 20.28 -3.92 -13.31
N VAL A 178 19.51 -4.27 -14.34
CA VAL A 178 18.15 -4.75 -14.16
C VAL A 178 18.07 -6.23 -14.55
N GLU A 179 17.53 -7.04 -13.66
CA GLU A 179 17.36 -8.47 -13.91
C GLU A 179 16.05 -8.94 -13.26
N MET A 180 15.90 -10.22 -13.00
CA MET A 180 14.65 -10.72 -12.42
C MET A 180 14.75 -11.76 -11.29
N GLU A 181 15.83 -11.75 -10.51
CA GLU A 181 15.93 -12.79 -9.49
C GLU A 181 16.55 -12.46 -8.12
N ALA A 182 17.68 -11.76 -8.14
CA ALA A 182 18.44 -11.41 -6.94
C ALA A 182 17.69 -11.18 -5.62
N ALA A 183 16.64 -10.36 -5.64
CA ALA A 183 15.90 -10.08 -4.41
C ALA A 183 15.16 -11.33 -3.92
N GLY A 184 14.82 -12.21 -4.86
CA GLY A 184 14.13 -13.43 -4.48
C GLY A 184 15.07 -14.37 -3.78
N ILE A 185 16.26 -14.54 -4.36
CA ILE A 185 17.30 -15.41 -3.82
C ILE A 185 17.81 -14.91 -2.47
N TYR A 186 18.02 -13.59 -2.35
CA TYR A 186 18.51 -13.01 -1.11
C TYR A 186 17.48 -13.17 -0.01
N GLY A 187 16.19 -13.16 -0.39
CA GLY A 187 15.14 -13.32 0.59
C GLY A 187 15.17 -14.74 1.14
N VAL A 188 15.25 -15.71 0.23
CA VAL A 188 15.31 -17.11 0.61
C VAL A 188 16.53 -17.40 1.48
N ALA A 189 17.67 -16.83 1.12
CA ALA A 189 18.88 -17.05 1.90
C ALA A 189 18.68 -16.62 3.35
N ALA A 190 18.08 -15.45 3.55
CA ALA A 190 17.83 -14.92 4.90
C ALA A 190 16.78 -15.73 5.66
N GLU A 191 15.84 -16.31 4.93
CA GLU A 191 14.78 -17.10 5.55
C GLU A 191 15.25 -18.46 6.06
N PHE A 192 16.16 -19.11 5.33
CA PHE A 192 16.62 -20.42 5.75
C PHE A 192 18.09 -20.45 6.17
N GLY A 193 18.63 -19.29 6.50
CA GLY A 193 20.00 -19.21 6.95
C GLY A 193 21.09 -19.76 6.05
N ALA A 194 21.23 -19.24 4.84
CA ALA A 194 22.27 -19.68 3.92
C ALA A 194 22.91 -18.43 3.30
N LYS A 195 23.88 -18.62 2.40
CA LYS A 195 24.56 -17.48 1.76
C LYS A 195 24.33 -17.41 0.26
N ALA A 196 24.20 -16.19 -0.27
CA ALA A 196 23.97 -16.01 -1.69
C ALA A 196 24.68 -14.79 -2.30
N LEU A 197 24.84 -14.85 -3.63
CA LEU A 197 25.49 -13.79 -4.39
C LEU A 197 25.05 -13.85 -5.85
N THR A 198 24.90 -12.69 -6.47
CA THR A 198 24.50 -12.60 -7.86
C THR A 198 25.54 -11.83 -8.66
N ILE A 199 26.06 -12.47 -9.71
CA ILE A 199 27.03 -11.83 -10.59
C ILE A 199 26.38 -11.76 -11.96
N CYS A 200 26.48 -10.61 -12.63
CA CYS A 200 25.87 -10.43 -13.95
C CYS A 200 26.73 -9.63 -14.91
N THR A 201 26.58 -9.92 -16.20
CA THR A 201 27.30 -9.20 -17.23
C THR A 201 26.24 -8.41 -17.99
N VAL A 202 26.54 -7.16 -18.33
CA VAL A 202 25.59 -6.32 -19.04
C VAL A 202 25.36 -6.81 -20.47
N SER A 203 24.17 -7.36 -20.74
CA SER A 203 23.88 -7.88 -22.05
C SER A 203 23.12 -6.90 -22.94
N ASP A 204 22.61 -5.84 -22.35
CA ASP A 204 21.86 -4.85 -23.11
C ASP A 204 21.80 -3.54 -22.36
N HIS A 205 21.73 -2.44 -23.09
CA HIS A 205 21.67 -1.14 -22.44
C HIS A 205 20.34 -0.49 -22.75
N ILE A 206 19.40 -0.62 -21.83
CA ILE A 206 18.07 -0.03 -21.97
C ILE A 206 18.27 1.42 -22.37
N ARG A 207 17.64 1.84 -23.46
CA ARG A 207 17.79 3.22 -23.92
C ARG A 207 19.24 3.39 -24.42
N THR A 208 19.39 3.52 -25.73
CA THR A 208 20.72 3.69 -26.34
C THR A 208 21.50 2.38 -26.29
N HIS A 209 21.12 1.43 -27.14
CA HIS A 209 21.80 0.14 -27.17
C HIS A 209 23.00 0.12 -28.13
N GLU A 210 23.86 -0.87 -27.97
CA GLU A 210 25.04 -1.03 -28.79
C GLU A 210 24.89 -2.34 -29.57
N GLN A 211 26.02 -2.94 -29.95
CA GLN A 211 26.00 -4.19 -30.70
C GLN A 211 27.19 -5.06 -30.29
N THR A 212 26.95 -6.37 -30.15
CA THR A 212 27.99 -7.31 -29.75
C THR A 212 28.04 -8.57 -30.62
N THR A 213 29.25 -9.07 -30.86
CA THR A 213 29.44 -10.28 -31.65
C THR A 213 29.25 -11.50 -30.76
N ALA A 214 28.84 -12.63 -31.35
CA ALA A 214 28.63 -13.86 -30.59
C ALA A 214 29.92 -14.33 -29.93
N ALA A 215 31.06 -13.98 -30.53
CA ALA A 215 32.35 -14.37 -29.99
C ALA A 215 32.62 -13.57 -28.71
N GLU A 216 32.32 -12.28 -28.75
CA GLU A 216 32.50 -11.40 -27.59
C GLU A 216 31.68 -11.92 -26.42
N ARG A 217 30.43 -12.29 -26.70
CA ARG A 217 29.54 -12.79 -25.67
C ARG A 217 29.99 -14.05 -24.94
N GLN A 218 30.61 -14.99 -25.66
CA GLN A 218 31.06 -16.21 -24.99
C GLN A 218 32.31 -15.92 -24.18
N THR A 219 33.08 -14.95 -24.64
CA THR A 219 34.30 -14.57 -23.93
C THR A 219 33.93 -13.99 -22.57
N THR A 220 32.93 -13.11 -22.56
CA THR A 220 32.48 -12.48 -21.33
C THR A 220 31.80 -13.50 -20.42
N PHE A 221 30.97 -14.37 -20.99
CA PHE A 221 30.29 -15.38 -20.19
C PHE A 221 31.32 -16.30 -19.53
N ASN A 222 32.35 -16.68 -20.26
CA ASN A 222 33.37 -17.54 -19.69
C ASN A 222 34.12 -16.84 -18.57
N ASP A 223 34.39 -15.54 -18.73
CA ASP A 223 35.10 -14.79 -17.70
C ASP A 223 34.31 -14.76 -16.40
N MET A 224 33.00 -14.56 -16.51
CA MET A 224 32.10 -14.52 -15.33
C MET A 224 32.12 -15.83 -14.53
N ILE A 225 32.09 -16.95 -15.25
CA ILE A 225 32.12 -18.26 -14.61
C ILE A 225 33.47 -18.45 -13.95
N LYS A 226 34.53 -18.09 -14.66
CA LYS A 226 35.89 -18.19 -14.13
C LYS A 226 35.96 -17.39 -12.84
N ILE A 227 35.34 -16.20 -12.84
CA ILE A 227 35.31 -15.33 -11.67
C ILE A 227 34.54 -15.99 -10.54
N ALA A 228 33.36 -16.51 -10.86
CA ALA A 228 32.54 -17.17 -9.86
C ALA A 228 33.28 -18.35 -9.24
N LEU A 229 33.89 -19.19 -10.09
CA LEU A 229 34.62 -20.37 -9.63
C LEU A 229 35.85 -20.07 -8.74
N GLU A 230 36.68 -19.13 -9.16
CA GLU A 230 37.86 -18.77 -8.38
C GLU A 230 37.48 -18.11 -7.05
N SER A 231 36.31 -17.47 -7.00
CA SER A 231 35.87 -16.80 -5.78
C SER A 231 35.54 -17.81 -4.67
N VAL A 232 35.08 -18.99 -5.07
CA VAL A 232 34.73 -20.06 -4.15
C VAL A 232 35.98 -20.59 -3.43
N LEU A 233 37.07 -20.76 -4.18
CA LEU A 233 38.33 -21.25 -3.62
C LEU A 233 38.91 -20.22 -2.66
N LEU A 234 38.78 -18.94 -3.02
CA LEU A 234 39.27 -17.85 -2.17
C LEU A 234 38.50 -17.86 -0.86
N GLY A 235 37.20 -18.13 -0.96
CA GLY A 235 36.36 -18.20 0.21
C GLY A 235 36.69 -19.38 1.08
N ASP A 236 37.23 -20.45 0.47
CA ASP A 236 37.57 -21.62 1.26
C ASP A 236 38.80 -21.39 2.14
N LYS A 237 39.39 -20.21 2.02
CA LYS A 237 40.57 -19.82 2.79
C LYS A 237 40.21 -18.87 3.94
N ALA B 1 -36.60 -10.28 11.53
CA ALA B 1 -36.48 -8.83 11.50
C ALA B 1 -35.12 -8.37 12.01
N THR B 2 -34.42 -7.57 11.19
CA THR B 2 -33.11 -7.05 11.52
C THR B 2 -33.29 -5.54 11.70
N PRO B 3 -32.18 -4.82 11.98
CA PRO B 3 -32.32 -3.37 12.16
C PRO B 3 -32.61 -2.61 10.86
N HIS B 4 -32.48 -3.29 9.73
CA HIS B 4 -32.73 -2.64 8.43
C HIS B 4 -33.88 -3.24 7.62
N ILE B 5 -34.27 -4.47 7.96
CA ILE B 5 -35.39 -5.12 7.27
C ILE B 5 -36.42 -5.62 8.29
N ASN B 6 -37.57 -4.97 8.33
CA ASN B 6 -38.62 -5.37 9.26
C ASN B 6 -39.57 -6.39 8.62
N ALA B 7 -39.13 -7.64 8.56
CA ALA B 7 -39.91 -8.72 7.99
C ALA B 7 -39.51 -10.05 8.65
N GLU B 8 -40.23 -11.12 8.30
CA GLU B 8 -39.96 -12.45 8.86
C GLU B 8 -39.54 -13.48 7.82
N MET B 9 -39.04 -14.61 8.32
CA MET B 9 -38.60 -15.70 7.46
C MET B 9 -39.79 -16.21 6.66
N GLY B 10 -39.69 -16.13 5.34
CA GLY B 10 -40.77 -16.57 4.47
C GLY B 10 -41.34 -15.41 3.68
N ASP B 11 -41.08 -14.20 4.14
CA ASP B 11 -41.57 -12.99 3.48
C ASP B 11 -40.83 -12.68 2.19
N PHE B 12 -39.63 -13.25 2.05
CA PHE B 12 -38.82 -13.06 0.84
C PHE B 12 -38.66 -14.39 0.13
N ALA B 13 -38.53 -14.34 -1.20
CA ALA B 13 -38.35 -15.55 -2.00
C ALA B 13 -36.86 -15.87 -1.96
N ASP B 14 -36.46 -17.04 -2.47
CA ASP B 14 -35.05 -17.39 -2.44
C ASP B 14 -34.27 -16.72 -3.56
N VAL B 15 -34.97 -15.90 -4.33
CA VAL B 15 -34.36 -15.15 -5.43
C VAL B 15 -34.83 -13.71 -5.29
N VAL B 16 -33.88 -12.77 -5.22
CA VAL B 16 -34.22 -11.36 -5.10
C VAL B 16 -33.52 -10.51 -6.16
N LEU B 17 -34.30 -9.68 -6.86
CA LEU B 17 -33.75 -8.76 -7.86
C LEU B 17 -33.56 -7.44 -7.13
N MET B 18 -32.45 -6.74 -7.36
CA MET B 18 -32.23 -5.49 -6.64
C MET B 18 -31.74 -4.29 -7.42
N PRO B 19 -32.60 -3.27 -7.59
CA PRO B 19 -32.22 -2.04 -8.30
C PRO B 19 -31.62 -1.09 -7.26
N GLY B 20 -30.98 -0.02 -7.70
CA GLY B 20 -30.41 0.92 -6.74
C GLY B 20 -31.45 1.84 -6.10
N ASP B 21 -32.40 2.29 -6.90
CA ASP B 21 -33.45 3.21 -6.47
C ASP B 21 -34.66 2.48 -5.88
N PRO B 22 -35.02 2.78 -4.63
CA PRO B 22 -36.17 2.13 -3.99
C PRO B 22 -37.47 2.32 -4.77
N LEU B 23 -37.58 3.42 -5.51
CA LEU B 23 -38.77 3.68 -6.32
C LEU B 23 -38.82 2.74 -7.52
N ARG B 24 -37.65 2.26 -7.94
CA ARG B 24 -37.59 1.36 -9.08
C ARG B 24 -38.10 -0.02 -8.68
N ALA B 25 -38.00 -0.35 -7.40
CA ALA B 25 -38.48 -1.65 -6.94
C ALA B 25 -40.00 -1.72 -7.05
N LYS B 26 -40.66 -0.60 -6.78
CA LYS B 26 -42.11 -0.51 -6.85
C LYS B 26 -42.58 -0.60 -8.31
N TYR B 27 -41.80 0.01 -9.20
CA TYR B 27 -42.08 0.00 -10.63
C TYR B 27 -42.01 -1.42 -11.17
N ILE B 28 -40.99 -2.16 -10.75
CA ILE B 28 -40.80 -3.55 -11.17
C ILE B 28 -41.89 -4.45 -10.61
N ALA B 29 -42.22 -4.27 -9.33
CA ALA B 29 -43.24 -5.08 -8.70
C ALA B 29 -44.57 -4.90 -9.42
N GLU B 30 -44.94 -3.64 -9.65
CA GLU B 30 -46.19 -3.29 -10.31
C GLU B 30 -46.26 -3.74 -11.76
N THR B 31 -45.12 -3.70 -12.45
CA THR B 31 -45.08 -4.06 -13.86
C THR B 31 -44.95 -5.53 -14.22
N PHE B 32 -44.08 -6.27 -13.53
CA PHE B 32 -43.88 -7.68 -13.86
C PHE B 32 -44.40 -8.74 -12.90
N LEU B 33 -44.47 -8.43 -11.61
CA LEU B 33 -44.92 -9.42 -10.64
C LEU B 33 -46.42 -9.48 -10.45
N GLU B 34 -46.93 -10.70 -10.26
CA GLU B 34 -48.36 -10.88 -10.05
C GLU B 34 -48.61 -11.17 -8.57
N ASP B 35 -49.71 -10.63 -8.04
CA ASP B 35 -50.08 -10.82 -6.64
C ASP B 35 -48.99 -10.32 -5.68
N ALA B 36 -48.42 -9.17 -5.99
CA ALA B 36 -47.35 -8.58 -5.19
C ALA B 36 -47.82 -7.97 -3.87
N ARG B 37 -46.94 -8.01 -2.86
CA ARG B 37 -47.23 -7.47 -1.54
C ARG B 37 -45.96 -6.84 -0.95
N GLU B 38 -46.12 -5.72 -0.23
CA GLU B 38 -44.97 -5.06 0.39
C GLU B 38 -44.50 -5.84 1.62
N VAL B 39 -43.21 -6.13 1.70
CA VAL B 39 -42.68 -6.89 2.83
C VAL B 39 -41.66 -6.12 3.66
N ASN B 40 -41.36 -4.89 3.27
CA ASN B 40 -40.43 -4.05 4.02
C ASN B 40 -40.53 -2.58 3.65
N ASN B 41 -40.28 -1.71 4.63
CA ASN B 41 -40.35 -0.28 4.41
C ASN B 41 -39.41 0.51 5.31
N VAL B 42 -38.57 -0.19 6.07
CA VAL B 42 -37.63 0.50 6.96
C VAL B 42 -36.74 1.45 6.18
N ARG B 43 -36.56 2.66 6.71
CA ARG B 43 -35.74 3.68 6.07
C ARG B 43 -36.21 4.03 4.65
N GLY B 44 -37.37 3.49 4.27
CA GLY B 44 -37.93 3.77 2.96
C GLY B 44 -37.46 2.89 1.82
N MET B 45 -36.69 1.85 2.14
CA MET B 45 -36.18 0.92 1.13
C MET B 45 -37.21 -0.18 0.90
N LEU B 46 -38.24 0.14 0.12
CA LEU B 46 -39.34 -0.78 -0.19
C LEU B 46 -38.97 -2.12 -0.80
N GLY B 47 -39.58 -3.17 -0.26
CA GLY B 47 -39.36 -4.52 -0.75
C GLY B 47 -40.70 -5.10 -1.12
N PHE B 48 -40.74 -6.00 -2.10
CA PHE B 48 -41.99 -6.60 -2.54
C PHE B 48 -41.79 -8.07 -2.88
N THR B 49 -42.87 -8.84 -2.78
CA THR B 49 -42.82 -10.25 -3.13
C THR B 49 -44.10 -10.60 -3.87
N GLY B 50 -43.95 -11.33 -4.97
CA GLY B 50 -45.07 -11.76 -5.79
C GLY B 50 -44.62 -12.93 -6.62
N THR B 51 -45.24 -13.15 -7.77
CA THR B 51 -44.85 -14.26 -8.64
C THR B 51 -44.75 -13.85 -10.10
N TYR B 52 -43.86 -14.52 -10.83
CA TYR B 52 -43.68 -14.29 -12.26
C TYR B 52 -43.81 -15.63 -12.96
N LYS B 53 -44.91 -15.79 -13.71
CA LYS B 53 -45.19 -17.04 -14.40
C LYS B 53 -45.20 -18.17 -13.38
N GLY B 54 -45.86 -17.92 -12.25
CA GLY B 54 -45.97 -18.93 -11.20
C GLY B 54 -44.76 -19.11 -10.30
N ARG B 55 -43.68 -18.43 -10.61
CA ARG B 55 -42.45 -18.52 -9.80
C ARG B 55 -42.45 -17.42 -8.75
N LYS B 56 -42.19 -17.78 -7.50
CA LYS B 56 -42.12 -16.80 -6.43
C LYS B 56 -40.82 -16.00 -6.53
N ILE B 57 -40.95 -14.68 -6.63
CA ILE B 57 -39.79 -13.81 -6.77
C ILE B 57 -39.95 -12.52 -5.97
N SER B 58 -38.84 -12.00 -5.45
CA SER B 58 -38.86 -10.76 -4.67
C SER B 58 -38.01 -9.69 -5.34
N VAL B 59 -38.29 -8.43 -5.03
CA VAL B 59 -37.55 -7.30 -5.57
C VAL B 59 -37.44 -6.18 -4.53
N MET B 60 -36.21 -5.76 -4.22
CA MET B 60 -35.99 -4.70 -3.24
C MET B 60 -34.75 -3.85 -3.56
N GLY B 61 -34.84 -2.56 -3.26
CA GLY B 61 -33.74 -1.64 -3.53
C GLY B 61 -32.58 -1.83 -2.58
N HIS B 62 -31.39 -1.37 -2.97
CA HIS B 62 -30.22 -1.51 -2.11
C HIS B 62 -29.49 -0.20 -1.80
N GLY B 63 -29.91 0.89 -2.41
CA GLY B 63 -29.25 2.17 -2.17
C GLY B 63 -27.97 2.31 -2.98
N MET B 64 -27.33 3.48 -2.92
CA MET B 64 -26.11 3.67 -3.69
C MET B 64 -24.85 3.41 -2.87
N GLY B 65 -23.92 2.69 -3.48
CA GLY B 65 -22.65 2.40 -2.83
C GLY B 65 -22.51 1.01 -2.26
N ILE B 66 -21.26 0.56 -2.18
CA ILE B 66 -20.94 -0.76 -1.64
C ILE B 66 -21.33 -0.89 -0.16
N PRO B 67 -21.08 0.15 0.65
CA PRO B 67 -21.46 0.02 2.07
C PRO B 67 -22.96 -0.22 2.25
N SER B 68 -23.77 0.42 1.42
CA SER B 68 -25.21 0.27 1.52
C SER B 68 -25.71 -1.09 1.08
N CYS B 69 -25.40 -1.50 -0.14
CA CYS B 69 -25.86 -2.78 -0.64
C CYS B 69 -25.24 -3.98 0.09
N SER B 70 -24.12 -3.76 0.79
CA SER B 70 -23.49 -4.85 1.53
C SER B 70 -24.31 -5.16 2.78
N ILE B 71 -24.99 -4.16 3.31
CA ILE B 71 -25.82 -4.38 4.49
C ILE B 71 -27.06 -5.22 4.13
N TYR B 72 -27.77 -4.81 3.08
CA TYR B 72 -28.97 -5.51 2.67
C TYR B 72 -28.75 -6.94 2.17
N THR B 73 -27.83 -7.13 1.22
CA THR B 73 -27.58 -8.47 0.69
C THR B 73 -27.16 -9.45 1.80
N LYS B 74 -26.33 -8.96 2.72
CA LYS B 74 -25.85 -9.78 3.84
C LYS B 74 -27.02 -10.29 4.69
N GLU B 75 -27.90 -9.38 5.10
CA GLU B 75 -29.06 -9.76 5.92
C GLU B 75 -30.01 -10.70 5.18
N LEU B 76 -30.19 -10.46 3.88
CA LEU B 76 -31.08 -11.30 3.08
C LEU B 76 -30.58 -12.73 3.07
N ILE B 77 -29.28 -12.89 2.83
CA ILE B 77 -28.65 -14.21 2.76
C ILE B 77 -28.63 -14.98 4.10
N THR B 78 -28.24 -14.31 5.17
CA THR B 78 -28.13 -14.94 6.48
C THR B 78 -29.39 -14.98 7.33
N ASP B 79 -30.34 -14.08 7.08
CA ASP B 79 -31.55 -14.04 7.89
C ASP B 79 -32.87 -14.36 7.17
N PHE B 80 -32.86 -14.33 5.84
CA PHE B 80 -34.09 -14.63 5.12
C PHE B 80 -33.99 -15.79 4.13
N GLY B 81 -32.91 -16.55 4.23
CA GLY B 81 -32.70 -17.72 3.38
C GLY B 81 -32.55 -17.52 1.88
N VAL B 82 -32.17 -16.32 1.46
CA VAL B 82 -32.00 -16.02 0.04
C VAL B 82 -30.76 -16.71 -0.55
N LYS B 83 -30.95 -17.36 -1.69
CA LYS B 83 -29.89 -18.10 -2.37
C LYS B 83 -29.29 -17.34 -3.55
N LYS B 84 -30.11 -16.56 -4.25
CA LYS B 84 -29.63 -15.80 -5.40
C LYS B 84 -29.99 -14.33 -5.35
N ILE B 85 -29.04 -13.49 -5.75
CA ILE B 85 -29.24 -12.07 -5.80
C ILE B 85 -28.78 -11.56 -7.16
N ILE B 86 -29.67 -10.84 -7.84
CA ILE B 86 -29.35 -10.28 -9.14
C ILE B 86 -29.54 -8.77 -9.09
N ARG B 87 -28.46 -8.03 -9.26
CA ARG B 87 -28.57 -6.58 -9.26
C ARG B 87 -28.92 -6.14 -10.67
N VAL B 88 -29.86 -5.22 -10.80
CA VAL B 88 -30.25 -4.70 -12.11
C VAL B 88 -30.16 -3.18 -12.08
N GLY B 89 -29.08 -2.64 -12.64
CA GLY B 89 -28.92 -1.19 -12.64
C GLY B 89 -28.44 -0.53 -13.92
N SER B 90 -27.81 0.64 -13.74
CA SER B 90 -27.27 1.42 -14.84
C SER B 90 -25.77 1.63 -14.62
N CYS B 91 -25.08 2.12 -15.65
CA CYS B 91 -23.63 2.37 -15.56
C CYS B 91 -23.18 3.31 -16.67
N GLY B 92 -21.99 3.89 -16.51
CA GLY B 92 -21.45 4.79 -17.51
C GLY B 92 -20.41 4.05 -18.35
N ALA B 93 -20.34 4.35 -19.64
CA ALA B 93 -19.40 3.67 -20.52
C ALA B 93 -18.11 4.44 -20.78
N VAL B 94 -17.00 3.71 -20.93
CA VAL B 94 -15.70 4.32 -21.20
C VAL B 94 -15.16 3.88 -22.56
N LEU B 95 -15.59 2.70 -23.01
CA LEU B 95 -15.12 2.17 -24.29
C LEU B 95 -15.88 2.76 -25.48
N PRO B 96 -15.14 3.20 -26.50
CA PRO B 96 -15.65 3.81 -27.73
C PRO B 96 -16.77 3.06 -28.44
N HIS B 97 -16.66 1.73 -28.50
CA HIS B 97 -17.67 0.94 -29.18
C HIS B 97 -18.83 0.49 -28.32
N VAL B 98 -18.80 0.80 -27.03
CA VAL B 98 -19.90 0.44 -26.16
C VAL B 98 -20.86 1.63 -26.25
N LYS B 99 -22.06 1.38 -26.77
CA LYS B 99 -23.04 2.43 -26.96
C LYS B 99 -24.19 2.44 -25.97
N LEU B 100 -24.87 3.58 -25.86
CA LEU B 100 -26.00 3.72 -24.96
C LEU B 100 -27.00 2.61 -25.20
N ARG B 101 -27.69 2.22 -24.14
CA ARG B 101 -28.71 1.17 -24.19
C ARG B 101 -28.14 -0.21 -24.48
N ASP B 102 -26.87 -0.43 -24.16
CA ASP B 102 -26.25 -1.73 -24.35
C ASP B 102 -26.41 -2.48 -23.03
N VAL B 103 -26.71 -3.77 -23.09
CA VAL B 103 -26.85 -4.57 -21.88
C VAL B 103 -25.50 -5.23 -21.56
N VAL B 104 -25.00 -4.93 -20.36
CA VAL B 104 -23.73 -5.44 -19.88
C VAL B 104 -23.93 -6.44 -18.75
N ILE B 105 -23.17 -7.53 -18.78
CA ILE B 105 -23.26 -8.53 -17.73
C ILE B 105 -21.89 -8.57 -17.04
N GLY B 106 -21.90 -8.35 -15.73
CA GLY B 106 -20.66 -8.32 -14.97
C GLY B 106 -20.11 -9.63 -14.46
N MET B 107 -19.34 -10.32 -15.30
CA MET B 107 -18.73 -11.58 -14.92
C MET B 107 -17.72 -11.27 -13.80
N GLY B 108 -17.09 -10.11 -13.90
CA GLY B 108 -16.12 -9.69 -12.90
C GLY B 108 -16.35 -8.23 -12.56
N ALA B 109 -15.70 -7.75 -11.49
CA ALA B 109 -15.85 -6.36 -11.09
C ALA B 109 -14.62 -5.83 -10.34
N CYS B 110 -13.96 -4.83 -10.93
CA CYS B 110 -12.78 -4.19 -10.34
C CYS B 110 -13.30 -3.13 -9.36
N THR B 111 -12.43 -2.60 -8.50
CA THR B 111 -12.87 -1.60 -7.54
C THR B 111 -11.74 -0.79 -6.90
N ASP B 112 -12.06 0.42 -6.44
CA ASP B 112 -11.11 1.27 -5.76
C ASP B 112 -11.44 1.23 -4.26
N SER B 113 -12.38 0.37 -3.90
CA SER B 113 -12.77 0.20 -2.49
C SER B 113 -11.76 -0.74 -1.83
N LYS B 114 -11.70 -0.71 -0.51
CA LYS B 114 -10.77 -1.54 0.25
C LYS B 114 -11.43 -2.71 1.00
N VAL B 115 -12.75 -2.87 0.85
CA VAL B 115 -13.45 -3.93 1.58
C VAL B 115 -13.01 -5.37 1.27
N ASN B 116 -12.64 -5.68 0.04
CA ASN B 116 -12.22 -7.04 -0.26
C ASN B 116 -10.78 -7.33 0.18
N ARG B 117 -9.98 -6.30 0.42
CA ARG B 117 -8.61 -6.50 0.88
C ARG B 117 -8.64 -6.75 2.38
N ILE B 118 -9.62 -6.15 3.04
CA ILE B 118 -9.81 -6.31 4.46
C ILE B 118 -10.23 -7.77 4.70
N ARG B 119 -11.00 -8.31 3.77
CA ARG B 119 -11.46 -9.69 3.85
C ARG B 119 -10.37 -10.69 3.47
N PHE B 120 -9.60 -10.35 2.43
CA PHE B 120 -8.60 -11.25 1.89
C PHE B 120 -7.14 -11.10 2.32
N LYS B 121 -6.90 -10.67 3.55
CA LYS B 121 -5.53 -10.51 4.05
C LYS B 121 -4.65 -9.53 3.27
N ASP B 122 -5.28 -8.50 2.72
CA ASP B 122 -4.58 -7.45 1.95
C ASP B 122 -4.09 -7.88 0.56
N HIS B 123 -4.59 -8.99 0.05
CA HIS B 123 -4.19 -9.44 -1.27
C HIS B 123 -5.27 -9.14 -2.31
N ASP B 124 -5.12 -9.69 -3.51
CA ASP B 124 -6.08 -9.48 -4.59
C ASP B 124 -7.11 -10.59 -4.70
N PHE B 125 -8.36 -10.28 -4.34
CA PHE B 125 -9.44 -11.25 -4.45
C PHE B 125 -10.24 -10.91 -5.69
N ALA B 126 -10.27 -11.81 -6.68
CA ALA B 126 -11.04 -11.53 -7.88
C ALA B 126 -12.55 -11.67 -7.57
N ALA B 127 -13.25 -10.54 -7.57
CA ALA B 127 -14.69 -10.52 -7.29
C ALA B 127 -15.45 -10.98 -8.53
N ILE B 128 -15.95 -12.21 -8.51
CA ILE B 128 -16.66 -12.76 -9.66
C ILE B 128 -18.09 -13.23 -9.38
N ALA B 129 -18.87 -13.31 -10.45
CA ALA B 129 -20.26 -13.75 -10.41
C ALA B 129 -20.34 -15.28 -10.44
N ASP B 130 -21.56 -15.82 -10.30
CA ASP B 130 -21.73 -17.27 -10.36
C ASP B 130 -21.85 -17.67 -11.84
N PHE B 131 -20.94 -18.53 -12.30
CA PHE B 131 -20.94 -18.96 -13.70
C PHE B 131 -22.34 -19.28 -14.26
N ASP B 132 -23.04 -20.22 -13.64
CA ASP B 132 -24.37 -20.62 -14.12
C ASP B 132 -25.32 -19.44 -14.30
N MET B 133 -25.31 -18.49 -13.38
CA MET B 133 -26.19 -17.34 -13.50
C MET B 133 -25.81 -16.48 -14.70
N VAL B 134 -24.52 -16.34 -14.95
CA VAL B 134 -24.05 -15.56 -16.10
C VAL B 134 -24.56 -16.26 -17.35
N ARG B 135 -24.38 -17.58 -17.36
CA ARG B 135 -24.79 -18.42 -18.45
C ARG B 135 -26.28 -18.33 -18.74
N ASN B 136 -27.10 -18.40 -17.68
CA ASN B 136 -28.54 -18.32 -17.84
C ASN B 136 -28.97 -16.98 -18.39
N ALA B 137 -28.25 -15.93 -18.04
CA ALA B 137 -28.55 -14.57 -18.50
C ALA B 137 -28.21 -14.40 -19.98
N VAL B 138 -27.08 -14.96 -20.40
CA VAL B 138 -26.63 -14.87 -21.79
C VAL B 138 -27.63 -15.61 -22.69
N ASP B 139 -28.09 -16.77 -22.23
CA ASP B 139 -29.06 -17.57 -22.97
C ASP B 139 -30.45 -16.93 -22.99
N ALA B 140 -30.81 -16.23 -21.92
CA ALA B 140 -32.11 -15.56 -21.86
C ALA B 140 -32.12 -14.39 -22.82
N ALA B 141 -31.02 -13.63 -22.84
CA ALA B 141 -30.91 -12.47 -23.71
C ALA B 141 -31.05 -12.91 -25.17
N LYS B 142 -30.42 -14.03 -25.52
CA LYS B 142 -30.48 -14.55 -26.88
C LYS B 142 -31.90 -14.92 -27.31
N ALA B 143 -32.66 -15.53 -26.41
CA ALA B 143 -34.03 -15.93 -26.70
C ALA B 143 -34.93 -14.71 -26.94
N LEU B 144 -34.50 -13.54 -26.50
CA LEU B 144 -35.29 -12.33 -26.68
C LEU B 144 -34.73 -11.49 -27.82
N GLY B 145 -33.71 -12.02 -28.50
CA GLY B 145 -33.12 -11.30 -29.61
C GLY B 145 -32.29 -10.11 -29.18
N ILE B 146 -31.85 -10.09 -27.94
CA ILE B 146 -31.04 -8.99 -27.43
C ILE B 146 -29.56 -9.32 -27.38
N ASP B 147 -28.74 -8.34 -27.68
CA ASP B 147 -27.28 -8.50 -27.66
C ASP B 147 -26.82 -8.18 -26.23
N ALA B 148 -25.78 -8.87 -25.76
CA ALA B 148 -25.26 -8.63 -24.41
C ALA B 148 -23.77 -8.87 -24.32
N ARG B 149 -23.05 -7.92 -23.75
CA ARG B 149 -21.61 -8.04 -23.59
C ARG B 149 -21.32 -8.61 -22.20
N VAL B 150 -20.31 -9.46 -22.10
CA VAL B 150 -19.93 -10.04 -20.82
C VAL B 150 -18.47 -9.67 -20.52
N GLY B 151 -18.23 -9.09 -19.35
CA GLY B 151 -16.88 -8.70 -19.00
C GLY B 151 -16.75 -8.06 -17.62
N ASN B 152 -15.79 -7.13 -17.50
CA ASN B 152 -15.52 -6.43 -16.25
C ASN B 152 -16.29 -5.13 -16.07
N LEU B 153 -16.72 -4.90 -14.84
CA LEU B 153 -17.40 -3.67 -14.44
C LEU B 153 -16.42 -3.02 -13.46
N PHE B 154 -16.64 -1.74 -13.13
CA PHE B 154 -15.78 -1.07 -12.16
C PHE B 154 -16.69 -0.48 -11.11
N SER B 155 -16.48 -0.86 -9.85
CA SER B 155 -17.29 -0.36 -8.76
C SER B 155 -16.56 0.81 -8.10
N ALA B 156 -17.01 2.03 -8.38
CA ALA B 156 -16.36 3.21 -7.82
C ALA B 156 -16.86 3.63 -6.45
N ASP B 157 -15.95 4.14 -5.63
CA ASP B 157 -16.29 4.61 -4.30
C ASP B 157 -16.69 6.09 -4.36
N LEU B 158 -16.18 6.82 -5.36
CA LEU B 158 -16.51 8.23 -5.54
C LEU B 158 -17.13 8.50 -6.92
N PHE B 159 -18.42 8.83 -6.93
CA PHE B 159 -19.11 9.14 -8.17
C PHE B 159 -18.36 10.30 -8.83
N TYR B 160 -18.04 11.32 -8.04
CA TYR B 160 -17.30 12.49 -8.49
C TYR B 160 -15.83 12.26 -8.13
N SER B 161 -15.07 11.71 -9.07
CA SER B 161 -13.66 11.41 -8.86
C SER B 161 -12.79 12.65 -8.74
N PRO B 162 -11.84 12.64 -7.79
CA PRO B 162 -10.93 13.78 -7.58
C PRO B 162 -10.02 13.96 -8.80
N ASP B 163 -9.62 12.84 -9.37
CA ASP B 163 -8.72 12.81 -10.54
C ASP B 163 -9.34 11.95 -11.64
N GLY B 164 -9.62 12.56 -12.78
CA GLY B 164 -10.20 11.80 -13.88
C GLY B 164 -9.15 10.94 -14.57
N GLU B 165 -8.19 10.44 -13.79
CA GLU B 165 -7.10 9.61 -14.32
C GLU B 165 -7.49 8.15 -14.57
N MET B 166 -8.34 7.59 -13.72
CA MET B 166 -8.78 6.20 -13.86
C MET B 166 -9.63 5.86 -15.08
N PHE B 167 -10.24 6.86 -15.71
CA PHE B 167 -11.06 6.60 -16.88
C PHE B 167 -10.22 6.09 -18.05
N ASP B 168 -9.03 6.68 -18.23
CA ASP B 168 -8.12 6.25 -19.28
C ASP B 168 -7.57 4.85 -18.97
N VAL B 169 -7.29 4.61 -17.69
CA VAL B 169 -6.79 3.31 -17.24
C VAL B 169 -7.87 2.21 -17.41
N MET B 170 -9.10 2.51 -17.02
CA MET B 170 -10.19 1.55 -17.14
C MET B 170 -10.39 1.17 -18.60
N GLU B 171 -10.36 2.18 -19.47
CA GLU B 171 -10.54 1.99 -20.90
C GLU B 171 -9.42 1.15 -21.49
N LYS B 172 -8.20 1.41 -21.06
CA LYS B 172 -7.04 0.67 -21.54
C LYS B 172 -7.12 -0.83 -21.20
N TYR B 173 -7.79 -1.15 -20.11
CA TYR B 173 -7.92 -2.52 -19.67
C TYR B 173 -9.27 -3.18 -19.96
N GLY B 174 -10.07 -2.54 -20.81
CA GLY B 174 -11.35 -3.11 -21.21
C GLY B 174 -12.58 -3.12 -20.33
N ILE B 175 -12.63 -2.25 -19.32
CA ILE B 175 -13.79 -2.18 -18.43
C ILE B 175 -15.02 -1.85 -19.27
N LEU B 176 -16.10 -2.61 -19.11
CA LEU B 176 -17.32 -2.40 -19.86
C LEU B 176 -18.25 -1.33 -19.30
N GLY B 177 -18.34 -1.23 -17.98
CA GLY B 177 -19.21 -0.23 -17.37
C GLY B 177 -18.75 0.21 -15.99
N VAL B 178 -19.12 1.43 -15.62
CA VAL B 178 -18.78 1.98 -14.31
C VAL B 178 -20.01 2.14 -13.44
N GLU B 179 -20.05 1.46 -12.30
CA GLU B 179 -21.16 1.60 -11.37
C GLU B 179 -20.63 1.68 -9.95
N MET B 180 -21.42 1.30 -8.94
CA MET B 180 -20.95 1.44 -7.57
C MET B 180 -21.30 0.31 -6.61
N GLU B 181 -21.60 -0.87 -7.12
CA GLU B 181 -21.99 -1.95 -6.20
C GLU B 181 -21.42 -3.35 -6.43
N ALA B 182 -21.39 -3.78 -7.70
CA ALA B 182 -20.91 -5.11 -8.08
C ALA B 182 -19.80 -5.75 -7.25
N ALA B 183 -18.65 -5.08 -7.13
CA ALA B 183 -17.53 -5.64 -6.36
C ALA B 183 -17.89 -5.98 -4.91
N GLY B 184 -18.69 -5.12 -4.27
CA GLY B 184 -19.09 -5.36 -2.89
C GLY B 184 -20.10 -6.50 -2.75
N ILE B 185 -20.99 -6.64 -3.72
CA ILE B 185 -22.01 -7.70 -3.69
C ILE B 185 -21.36 -9.06 -3.94
N TYR B 186 -20.34 -9.09 -4.80
CA TYR B 186 -19.64 -10.33 -5.10
C TYR B 186 -18.80 -10.76 -3.89
N GLY B 187 -18.33 -9.77 -3.13
CA GLY B 187 -17.54 -10.06 -1.95
C GLY B 187 -18.41 -10.65 -0.85
N VAL B 188 -19.62 -10.13 -0.71
CA VAL B 188 -20.56 -10.62 0.30
C VAL B 188 -21.02 -12.04 -0.03
N ALA B 189 -21.30 -12.30 -1.31
CA ALA B 189 -21.75 -13.62 -1.75
C ALA B 189 -20.69 -14.67 -1.45
N ALA B 190 -19.42 -14.31 -1.68
CA ALA B 190 -18.31 -15.21 -1.43
C ALA B 190 -18.12 -15.47 0.06
N GLU B 191 -18.25 -14.41 0.86
CA GLU B 191 -18.08 -14.55 2.30
C GLU B 191 -19.17 -15.36 3.01
N PHE B 192 -20.41 -15.24 2.56
CA PHE B 192 -21.49 -15.98 3.22
C PHE B 192 -22.05 -17.16 2.40
N GLY B 193 -21.36 -17.52 1.33
CA GLY B 193 -21.78 -18.66 0.54
C GLY B 193 -23.09 -18.63 -0.22
N ALA B 194 -23.33 -17.57 -0.99
CA ALA B 194 -24.54 -17.46 -1.80
C ALA B 194 -24.11 -17.16 -3.24
N LYS B 195 -25.07 -16.99 -4.13
CA LYS B 195 -24.77 -16.71 -5.54
C LYS B 195 -25.32 -15.33 -5.94
N ALA B 196 -24.56 -14.60 -6.74
CA ALA B 196 -24.98 -13.25 -7.17
C ALA B 196 -24.62 -12.96 -8.62
N LEU B 197 -25.27 -11.95 -9.19
CA LEU B 197 -25.02 -11.53 -10.57
C LEU B 197 -25.47 -10.07 -10.77
N THR B 198 -24.70 -9.31 -11.53
CA THR B 198 -25.03 -7.91 -11.83
C THR B 198 -25.23 -7.70 -13.33
N ILE B 199 -26.33 -7.03 -13.68
CA ILE B 199 -26.67 -6.72 -15.06
C ILE B 199 -26.95 -5.20 -15.12
N CYS B 200 -26.42 -4.54 -16.13
CA CYS B 200 -26.63 -3.11 -16.27
C CYS B 200 -26.91 -2.70 -17.70
N THR B 201 -27.58 -1.57 -17.87
CA THR B 201 -27.84 -1.03 -19.18
C THR B 201 -27.05 0.28 -19.18
N VAL B 202 -26.32 0.55 -20.25
CA VAL B 202 -25.53 1.77 -20.31
C VAL B 202 -26.45 2.97 -20.33
N SER B 203 -26.38 3.77 -19.28
CA SER B 203 -27.23 4.96 -19.15
C SER B 203 -26.53 6.23 -19.59
N ASP B 204 -25.19 6.18 -19.63
CA ASP B 204 -24.43 7.35 -20.03
C ASP B 204 -23.03 6.94 -20.49
N HIS B 205 -22.40 7.80 -21.30
CA HIS B 205 -21.08 7.53 -21.80
C HIS B 205 -20.15 8.69 -21.50
N ILE B 206 -19.16 8.43 -20.65
CA ILE B 206 -18.19 9.44 -20.28
C ILE B 206 -17.43 9.92 -21.52
N ARG B 207 -16.97 8.97 -22.33
CA ARG B 207 -16.26 9.30 -23.56
C ARG B 207 -17.20 9.89 -24.62
N THR B 208 -17.39 11.20 -24.54
CA THR B 208 -18.25 11.91 -25.49
C THR B 208 -19.71 11.48 -25.35
N HIS B 209 -20.56 12.42 -24.95
CA HIS B 209 -21.98 12.16 -24.77
C HIS B 209 -22.73 12.19 -26.10
N GLU B 210 -23.98 11.76 -26.08
CA GLU B 210 -24.85 11.72 -27.25
C GLU B 210 -26.01 10.78 -26.98
N GLN B 211 -27.00 11.28 -26.24
CA GLN B 211 -28.18 10.49 -25.88
C GLN B 211 -29.10 10.04 -27.01
N THR B 212 -30.23 9.45 -26.61
CA THR B 212 -31.21 8.93 -27.54
C THR B 212 -32.66 9.36 -27.26
N THR B 213 -33.55 8.42 -26.98
CA THR B 213 -34.96 8.73 -26.74
C THR B 213 -35.52 8.07 -25.46
N ALA B 214 -36.49 8.74 -24.83
CA ALA B 214 -37.12 8.25 -23.61
C ALA B 214 -37.83 6.91 -23.80
N ALA B 215 -38.63 6.80 -24.85
CA ALA B 215 -39.34 5.55 -25.13
C ALA B 215 -38.37 4.41 -25.42
N GLU B 216 -37.23 4.74 -26.01
CA GLU B 216 -36.22 3.75 -26.33
C GLU B 216 -35.42 3.31 -25.09
N ARG B 217 -35.11 4.27 -24.21
CA ARG B 217 -34.37 3.97 -22.99
C ARG B 217 -35.22 3.07 -22.09
N GLN B 218 -36.49 3.41 -21.97
CA GLN B 218 -37.42 2.65 -21.13
C GLN B 218 -37.70 1.25 -21.68
N THR B 219 -37.58 1.08 -22.99
CA THR B 219 -37.79 -0.23 -23.61
C THR B 219 -36.62 -1.13 -23.20
N THR B 220 -35.42 -0.55 -23.23
CA THR B 220 -34.20 -1.27 -22.87
C THR B 220 -34.14 -1.64 -21.39
N PHE B 221 -34.65 -0.78 -20.53
CA PHE B 221 -34.65 -1.09 -19.10
C PHE B 221 -35.56 -2.28 -18.85
N ASN B 222 -36.70 -2.32 -19.55
CA ASN B 222 -37.63 -3.43 -19.39
C ASN B 222 -37.06 -4.74 -19.89
N ASP B 223 -36.29 -4.68 -20.99
CA ASP B 223 -35.66 -5.86 -21.55
C ASP B 223 -34.70 -6.46 -20.52
N MET B 224 -33.95 -5.58 -19.85
CA MET B 224 -33.01 -6.02 -18.82
C MET B 224 -33.73 -6.82 -17.73
N ILE B 225 -34.85 -6.27 -17.24
CA ILE B 225 -35.63 -6.94 -16.21
C ILE B 225 -36.16 -8.28 -16.75
N LYS B 226 -36.58 -8.28 -18.02
CA LYS B 226 -37.11 -9.47 -18.66
C LYS B 226 -36.02 -10.54 -18.73
N ILE B 227 -34.79 -10.11 -19.00
CA ILE B 227 -33.64 -11.01 -19.06
C ILE B 227 -33.38 -11.61 -17.69
N ALA B 228 -33.50 -10.78 -16.65
CA ALA B 228 -33.28 -11.21 -15.27
C ALA B 228 -34.29 -12.28 -14.83
N LEU B 229 -35.58 -11.97 -14.94
CA LEU B 229 -36.64 -12.89 -14.55
C LEU B 229 -36.64 -14.19 -15.37
N GLU B 230 -36.33 -14.10 -16.66
CA GLU B 230 -36.30 -15.28 -17.51
C GLU B 230 -35.05 -16.14 -17.23
N SER B 231 -33.96 -15.50 -16.82
CA SER B 231 -32.73 -16.24 -16.52
C SER B 231 -32.94 -17.13 -15.29
N VAL B 232 -33.81 -16.68 -14.40
CA VAL B 232 -34.13 -17.41 -13.17
C VAL B 232 -34.87 -18.70 -13.50
N LEU B 233 -35.84 -18.60 -14.40
CA LEU B 233 -36.64 -19.75 -14.82
C LEU B 233 -35.78 -20.83 -15.46
N LEU B 234 -34.79 -20.42 -16.24
CA LEU B 234 -33.90 -21.39 -16.88
C LEU B 234 -33.09 -22.12 -15.81
N GLY B 235 -32.71 -21.39 -14.77
CA GLY B 235 -31.94 -21.95 -13.68
C GLY B 235 -32.74 -22.94 -12.85
N ASP B 236 -34.06 -22.75 -12.79
CA ASP B 236 -34.90 -23.66 -12.01
C ASP B 236 -34.93 -25.03 -12.69
N LYS B 237 -34.57 -25.06 -13.97
CA LYS B 237 -34.54 -26.30 -14.74
C LYS B 237 -33.12 -26.86 -14.82
N ALA C 1 14.68 7.79 37.26
CA ALA C 1 15.43 8.00 36.03
C ALA C 1 15.00 7.03 34.95
N THR C 2 14.89 7.51 33.71
CA THR C 2 14.51 6.69 32.57
C THR C 2 15.68 6.62 31.59
N PRO C 3 15.61 5.74 30.58
CA PRO C 3 16.66 5.59 29.58
C PRO C 3 17.19 6.90 28.99
N HIS C 4 16.30 7.88 28.79
CA HIS C 4 16.71 9.14 28.20
C HIS C 4 16.57 10.38 29.09
N ILE C 5 16.01 10.20 30.29
CA ILE C 5 15.85 11.32 31.22
C ILE C 5 16.34 10.93 32.62
N ASN C 6 17.31 11.70 33.13
CA ASN C 6 17.85 11.44 34.46
C ASN C 6 17.23 12.36 35.51
N ALA C 7 16.07 11.95 36.03
CA ALA C 7 15.34 12.72 37.04
C ALA C 7 14.46 11.74 37.81
N GLU C 8 13.81 12.23 38.87
CA GLU C 8 12.95 11.39 39.70
C GLU C 8 11.52 11.93 39.69
N MET C 9 10.57 11.04 39.97
CA MET C 9 9.15 11.40 40.02
C MET C 9 9.01 12.63 40.93
N GLY C 10 8.51 13.73 40.37
CA GLY C 10 8.36 14.94 41.15
C GLY C 10 9.18 16.08 40.60
N ASP C 11 10.24 15.76 39.85
CA ASP C 11 11.10 16.81 39.27
C ASP C 11 10.42 17.62 38.17
N PHE C 12 9.44 17.02 37.51
CA PHE C 12 8.68 17.70 36.46
C PHE C 12 7.30 17.98 37.02
N ALA C 13 6.66 19.05 36.52
CA ALA C 13 5.31 19.41 36.93
C ALA C 13 4.36 18.54 36.11
N ASP C 14 3.06 18.59 36.42
CA ASP C 14 2.10 17.79 35.67
C ASP C 14 1.83 18.38 34.28
N VAL C 15 2.47 19.52 33.99
CA VAL C 15 2.35 20.20 32.70
C VAL C 15 3.74 20.61 32.19
N VAL C 16 4.02 20.31 30.93
CA VAL C 16 5.32 20.60 30.33
C VAL C 16 5.23 21.15 28.91
N LEU C 17 5.89 22.29 28.68
CA LEU C 17 5.93 22.92 27.36
C LEU C 17 7.15 22.34 26.66
N MET C 18 7.02 22.01 25.38
CA MET C 18 8.14 21.41 24.68
C MET C 18 8.49 21.94 23.29
N PRO C 19 9.60 22.69 23.19
CA PRO C 19 10.03 23.22 21.90
C PRO C 19 10.96 22.16 21.34
N GLY C 20 11.22 22.20 20.04
CA GLY C 20 12.11 21.21 19.47
C GLY C 20 13.57 21.48 19.83
N ASP C 21 13.90 22.76 19.98
CA ASP C 21 15.25 23.20 20.29
C ASP C 21 15.51 23.31 21.79
N PRO C 22 16.58 22.65 22.29
CA PRO C 22 16.94 22.68 23.71
C PRO C 22 17.32 24.08 24.20
N LEU C 23 17.93 24.87 23.31
CA LEU C 23 18.35 26.22 23.64
C LEU C 23 17.17 27.17 23.81
N ARG C 24 16.05 26.87 23.15
CA ARG C 24 14.84 27.69 23.29
C ARG C 24 14.16 27.38 24.62
N ALA C 25 14.28 26.14 25.08
CA ALA C 25 13.70 25.74 26.36
C ALA C 25 14.44 26.53 27.44
N LYS C 26 15.77 26.47 27.39
CA LYS C 26 16.62 27.20 28.33
C LYS C 26 16.20 28.66 28.37
N TYR C 27 16.02 29.25 27.18
CA TYR C 27 15.60 30.63 27.06
C TYR C 27 14.23 30.86 27.70
N ILE C 28 13.30 29.93 27.48
CA ILE C 28 11.96 30.06 28.06
C ILE C 28 12.01 30.00 29.58
N ALA C 29 12.92 29.20 30.11
CA ALA C 29 13.05 29.06 31.56
C ALA C 29 13.61 30.35 32.16
N GLU C 30 14.57 30.95 31.48
CA GLU C 30 15.20 32.18 31.96
C GLU C 30 14.30 33.40 31.84
N THR C 31 13.48 33.42 30.79
CA THR C 31 12.60 34.55 30.53
C THR C 31 11.20 34.53 31.16
N PHE C 32 10.59 33.36 31.28
CA PHE C 32 9.23 33.29 31.82
C PHE C 32 9.03 32.61 33.17
N LEU C 33 9.96 31.75 33.57
CA LEU C 33 9.82 31.03 34.84
C LEU C 33 10.59 31.61 36.01
N GLU C 34 10.05 31.41 37.21
CA GLU C 34 10.70 31.88 38.44
C GLU C 34 11.34 30.73 39.21
N ASP C 35 12.49 31.02 39.82
CA ASP C 35 13.22 30.01 40.57
C ASP C 35 13.34 28.76 39.71
N ALA C 36 13.72 28.95 38.46
CA ALA C 36 13.87 27.85 37.52
C ALA C 36 15.14 27.04 37.80
N ARG C 37 15.04 25.71 37.73
CA ARG C 37 16.20 24.85 37.96
C ARG C 37 16.24 23.71 36.95
N GLU C 38 17.45 23.34 36.54
CA GLU C 38 17.67 22.27 35.56
C GLU C 38 17.39 20.89 36.16
N VAL C 39 16.61 20.09 35.45
CA VAL C 39 16.25 18.75 35.91
C VAL C 39 16.78 17.62 35.03
N ASN C 40 17.28 17.95 33.84
CA ASN C 40 17.83 16.94 32.93
C ASN C 40 18.81 17.52 31.93
N ASN C 41 19.80 16.70 31.56
CA ASN C 41 20.80 17.14 30.60
C ASN C 41 21.38 16.00 29.75
N VAL C 42 20.79 14.82 29.83
CA VAL C 42 21.26 13.68 29.05
C VAL C 42 21.14 13.97 27.55
N ARG C 43 22.18 13.62 26.79
CA ARG C 43 22.21 13.84 25.35
C ARG C 43 21.99 15.32 24.99
N GLY C 44 22.11 16.19 25.98
CA GLY C 44 21.94 17.62 25.75
C GLY C 44 20.50 18.11 25.75
N MET C 45 19.54 17.23 26.02
CA MET C 45 18.15 17.64 26.01
C MET C 45 17.75 18.32 27.31
N LEU C 46 18.14 19.58 27.45
CA LEU C 46 17.87 20.38 28.65
C LEU C 46 16.40 20.43 29.08
N GLY C 47 16.18 20.18 30.37
CA GLY C 47 14.84 20.21 30.94
C GLY C 47 14.86 21.10 32.18
N PHE C 48 13.80 21.90 32.38
CA PHE C 48 13.73 22.83 33.51
C PHE C 48 12.35 22.82 34.19
N THR C 49 12.34 23.18 35.47
CA THR C 49 11.10 23.26 36.25
C THR C 49 11.10 24.55 37.07
N GLY C 50 9.97 25.24 37.10
CA GLY C 50 9.88 26.47 37.85
C GLY C 50 8.45 26.89 38.10
N THR C 51 8.22 28.20 38.16
CA THR C 51 6.88 28.71 38.42
C THR C 51 6.50 29.89 37.54
N TYR C 52 5.21 29.96 37.21
CA TYR C 52 4.65 31.04 36.41
C TYR C 52 3.42 31.51 37.18
N LYS C 53 3.53 32.67 37.82
CA LYS C 53 2.41 33.21 38.59
C LYS C 53 1.96 32.22 39.66
N GLY C 54 2.93 31.63 40.36
CA GLY C 54 2.62 30.67 41.42
C GLY C 54 2.28 29.25 40.96
N ARG C 55 2.23 29.05 39.64
CA ARG C 55 1.90 27.76 39.07
C ARG C 55 3.17 27.02 38.68
N LYS C 56 3.36 25.82 39.20
CA LYS C 56 4.54 25.01 38.86
C LYS C 56 4.49 24.58 37.38
N ILE C 57 5.53 24.90 36.63
CA ILE C 57 5.59 24.57 35.21
C ILE C 57 6.97 24.03 34.78
N SER C 58 6.97 23.09 33.84
CA SER C 58 8.20 22.52 33.30
C SER C 58 8.34 22.85 31.81
N VAL C 59 9.56 22.80 31.31
CA VAL C 59 9.84 23.08 29.90
C VAL C 59 11.09 22.30 29.46
N MET C 60 10.94 21.45 28.44
CA MET C 60 12.05 20.63 27.96
C MET C 60 11.98 20.40 26.46
N GLY C 61 13.13 20.43 25.80
CA GLY C 61 13.17 20.22 24.36
C GLY C 61 12.88 18.77 24.01
N HIS C 62 12.54 18.51 22.76
CA HIS C 62 12.25 17.14 22.34
C HIS C 62 12.97 16.67 21.08
N GLY C 63 13.81 17.54 20.50
CA GLY C 63 14.52 17.17 19.29
C GLY C 63 13.64 17.22 18.05
N MET C 64 14.25 17.17 16.87
CA MET C 64 13.49 17.21 15.61
C MET C 64 12.98 15.84 15.14
N GLY C 65 11.74 15.80 14.65
CA GLY C 65 11.18 14.56 14.16
C GLY C 65 10.36 13.73 15.12
N ILE C 66 9.40 12.98 14.56
CA ILE C 66 8.52 12.12 15.32
C ILE C 66 9.22 11.06 16.19
N PRO C 67 10.24 10.39 15.65
CA PRO C 67 10.94 9.37 16.45
C PRO C 67 11.55 9.95 17.73
N SER C 68 12.15 11.12 17.61
CA SER C 68 12.78 11.78 18.74
C SER C 68 11.75 12.23 19.78
N CYS C 69 10.72 12.96 19.36
CA CYS C 69 9.72 13.44 20.29
C CYS C 69 8.82 12.33 20.87
N SER C 70 8.73 11.20 20.17
CA SER C 70 7.93 10.09 20.68
C SER C 70 8.59 9.53 21.93
N ILE C 71 9.91 9.41 21.90
CA ILE C 71 10.66 8.90 23.04
C ILE C 71 10.43 9.74 24.30
N TYR C 72 10.66 11.06 24.18
CA TYR C 72 10.51 11.97 25.31
C TYR C 72 9.11 12.14 25.90
N THR C 73 8.10 12.29 25.05
CA THR C 73 6.73 12.46 25.53
C THR C 73 6.22 11.19 26.23
N LYS C 74 6.67 10.03 25.75
CA LYS C 74 6.28 8.76 26.35
C LYS C 74 6.87 8.59 27.76
N GLU C 75 8.17 8.85 27.88
CA GLU C 75 8.85 8.70 29.17
C GLU C 75 8.29 9.64 30.24
N LEU C 76 7.96 10.88 29.85
CA LEU C 76 7.41 11.84 30.78
C LEU C 76 6.05 11.38 31.28
N ILE C 77 5.23 10.85 30.38
CA ILE C 77 3.89 10.39 30.73
C ILE C 77 3.85 9.15 31.61
N THR C 78 4.73 8.19 31.35
CA THR C 78 4.73 6.94 32.11
C THR C 78 5.58 6.89 33.37
N ASP C 79 6.59 7.76 33.47
CA ASP C 79 7.43 7.71 34.67
C ASP C 79 7.55 9.00 35.46
N PHE C 80 6.94 10.08 34.98
CA PHE C 80 7.03 11.34 35.71
C PHE C 80 5.69 11.99 35.99
N GLY C 81 4.62 11.23 35.78
CA GLY C 81 3.27 11.71 36.04
C GLY C 81 2.78 12.93 35.29
N VAL C 82 3.26 13.15 34.06
CA VAL C 82 2.85 14.30 33.26
C VAL C 82 1.46 14.09 32.66
N LYS C 83 0.58 15.05 32.88
CA LYS C 83 -0.80 14.97 32.40
C LYS C 83 -1.03 15.69 31.08
N LYS C 84 -0.44 16.88 30.93
CA LYS C 84 -0.60 17.69 29.72
C LYS C 84 0.72 18.04 29.05
N ILE C 85 0.74 17.99 27.73
CA ILE C 85 1.93 18.36 26.97
C ILE C 85 1.53 19.36 25.90
N ILE C 86 2.22 20.50 25.89
CA ILE C 86 1.95 21.54 24.91
C ILE C 86 3.21 21.82 24.09
N ARG C 87 3.20 21.45 22.82
CA ARG C 87 4.35 21.68 21.97
C ARG C 87 4.31 23.12 21.44
N VAL C 88 5.42 23.84 21.61
CA VAL C 88 5.51 25.22 21.13
C VAL C 88 6.67 25.29 20.14
N GLY C 89 6.38 25.00 18.88
CA GLY C 89 7.42 25.02 17.86
C GLY C 89 7.25 26.05 16.76
N SER C 90 7.91 25.80 15.63
CA SER C 90 7.85 26.66 14.46
C SER C 90 7.39 25.82 13.27
N CYS C 91 6.96 26.47 12.20
CA CYS C 91 6.52 25.76 11.01
C CYS C 91 6.68 26.55 9.73
N GLY C 92 6.41 25.88 8.61
CA GLY C 92 6.50 26.52 7.29
C GLY C 92 5.10 26.67 6.70
N ALA C 93 4.83 27.83 6.08
CA ALA C 93 3.51 28.07 5.50
C ALA C 93 3.45 27.72 4.02
N VAL C 94 2.27 27.27 3.58
CA VAL C 94 2.06 26.93 2.17
C VAL C 94 0.97 27.82 1.54
N LEU C 95 0.05 28.30 2.36
CA LEU C 95 -1.02 29.17 1.87
C LEU C 95 -0.55 30.62 1.62
N PRO C 96 -1.17 31.30 0.64
CA PRO C 96 -0.83 32.68 0.27
C PRO C 96 -1.09 33.71 1.38
N HIS C 97 -2.21 33.56 2.06
CA HIS C 97 -2.58 34.51 3.11
C HIS C 97 -1.97 34.26 4.50
N VAL C 98 -0.97 33.39 4.58
CA VAL C 98 -0.32 33.13 5.85
C VAL C 98 1.05 33.78 5.80
N LYS C 99 1.35 34.58 6.82
CA LYS C 99 2.62 35.30 6.90
C LYS C 99 3.46 35.00 8.13
N LEU C 100 4.75 35.31 8.05
CA LEU C 100 5.67 35.07 9.15
C LEU C 100 5.18 35.67 10.45
N ARG C 101 5.48 34.96 11.53
CA ARG C 101 5.09 35.36 12.88
C ARG C 101 3.64 35.03 13.22
N ASP C 102 2.90 34.50 12.26
CA ASP C 102 1.51 34.12 12.52
C ASP C 102 1.48 32.93 13.49
N VAL C 103 0.47 32.89 14.35
CA VAL C 103 0.33 31.81 15.32
C VAL C 103 -0.76 30.83 14.91
N VAL C 104 -0.43 29.54 14.88
CA VAL C 104 -1.39 28.52 14.49
C VAL C 104 -1.62 27.51 15.60
N ILE C 105 -2.85 27.03 15.72
CA ILE C 105 -3.22 26.04 16.72
C ILE C 105 -3.66 24.79 15.97
N GLY C 106 -3.00 23.67 16.22
CA GLY C 106 -3.33 22.45 15.52
C GLY C 106 -4.39 21.58 16.17
N MET C 107 -5.62 21.70 15.66
CA MET C 107 -6.72 20.89 16.18
C MET C 107 -6.48 19.47 15.67
N GLY C 108 -5.80 19.38 14.54
CA GLY C 108 -5.48 18.09 13.95
C GLY C 108 -4.14 18.11 13.27
N ALA C 109 -3.63 16.94 12.88
CA ALA C 109 -2.35 16.86 12.22
C ALA C 109 -2.28 15.69 11.24
N CYS C 110 -1.99 16.03 9.98
CA CYS C 110 -1.85 15.03 8.94
C CYS C 110 -0.40 14.59 8.97
N THR C 111 -0.04 13.55 8.21
CA THR C 111 1.33 13.07 8.20
C THR C 111 1.60 12.08 7.08
N ASP C 112 2.87 11.97 6.70
CA ASP C 112 3.28 11.00 5.68
C ASP C 112 4.08 9.89 6.37
N SER C 113 4.01 9.88 7.70
CA SER C 113 4.67 8.89 8.54
C SER C 113 3.80 7.63 8.63
N LYS C 114 4.39 6.52 9.09
CA LYS C 114 3.66 5.26 9.22
C LYS C 114 3.37 4.88 10.68
N VAL C 115 3.88 5.67 11.61
CA VAL C 115 3.69 5.37 13.03
C VAL C 115 2.25 5.09 13.44
N ASN C 116 1.32 5.95 13.05
CA ASN C 116 -0.08 5.76 13.43
C ASN C 116 -0.73 4.58 12.70
N ARG C 117 -0.28 4.32 11.48
CA ARG C 117 -0.83 3.18 10.73
C ARG C 117 -0.37 1.89 11.41
N ILE C 118 0.79 1.94 12.05
CA ILE C 118 1.31 0.79 12.76
C ILE C 118 0.52 0.55 14.04
N ARG C 119 -0.08 1.60 14.58
CA ARG C 119 -0.88 1.50 15.80
C ARG C 119 -2.35 1.18 15.48
N PHE C 120 -2.82 1.61 14.32
CA PHE C 120 -4.21 1.45 13.95
C PHE C 120 -4.52 0.40 12.87
N LYS C 121 -3.84 -0.74 12.91
CA LYS C 121 -4.07 -1.82 11.95
C LYS C 121 -4.00 -1.37 10.48
N ASP C 122 -3.17 -0.38 10.21
CA ASP C 122 -3.01 0.15 8.86
C ASP C 122 -4.20 0.94 8.32
N HIS C 123 -5.07 1.42 9.22
CA HIS C 123 -6.21 2.22 8.79
C HIS C 123 -5.89 3.70 9.03
N ASP C 124 -6.88 4.57 8.87
CA ASP C 124 -6.67 6.02 9.07
C ASP C 124 -7.06 6.51 10.46
N PHE C 125 -6.07 6.83 11.27
CA PHE C 125 -6.32 7.35 12.60
C PHE C 125 -6.29 8.88 12.52
N ALA C 126 -7.37 9.53 12.93
CA ALA C 126 -7.42 10.98 12.90
C ALA C 126 -6.67 11.49 14.15
N ALA C 127 -5.46 11.98 13.93
CA ALA C 127 -4.63 12.49 15.02
C ALA C 127 -5.11 13.89 15.39
N ILE C 128 -5.90 13.99 16.47
CA ILE C 128 -6.43 15.27 16.91
C ILE C 128 -5.94 15.64 18.31
N ALA C 129 -6.09 16.91 18.68
CA ALA C 129 -5.67 17.38 19.99
C ALA C 129 -6.86 17.38 20.95
N ASP C 130 -6.60 17.69 22.20
CA ASP C 130 -7.65 17.74 23.22
C ASP C 130 -8.50 19.01 23.04
N PHE C 131 -9.81 18.82 22.85
CA PHE C 131 -10.73 19.95 22.65
C PHE C 131 -10.62 21.09 23.67
N ASP C 132 -10.62 20.73 24.95
CA ASP C 132 -10.51 21.73 26.01
C ASP C 132 -9.24 22.55 25.90
N MET C 133 -8.11 21.89 25.63
CA MET C 133 -6.84 22.58 25.51
C MET C 133 -6.86 23.54 24.32
N VAL C 134 -7.46 23.10 23.22
CA VAL C 134 -7.54 23.93 22.02
C VAL C 134 -8.32 25.19 22.37
N ARG C 135 -9.44 24.99 23.05
CA ARG C 135 -10.33 26.06 23.47
C ARG C 135 -9.66 27.01 24.48
N ASN C 136 -8.92 26.45 25.43
CA ASN C 136 -8.23 27.28 26.42
C ASN C 136 -7.25 28.21 25.70
N ALA C 137 -6.53 27.67 24.70
CA ALA C 137 -5.56 28.45 23.93
C ALA C 137 -6.22 29.56 23.10
N VAL C 138 -7.37 29.25 22.51
CA VAL C 138 -8.10 30.24 21.73
C VAL C 138 -8.55 31.40 22.62
N ASP C 139 -9.05 31.06 23.80
CA ASP C 139 -9.51 32.07 24.76
C ASP C 139 -8.37 32.92 25.30
N ALA C 140 -7.19 32.31 25.47
CA ALA C 140 -6.02 33.01 25.96
C ALA C 140 -5.53 34.01 24.92
N ALA C 141 -5.54 33.59 23.66
CA ALA C 141 -5.09 34.46 22.58
C ALA C 141 -5.98 35.69 22.50
N LYS C 142 -7.29 35.49 22.65
CA LYS C 142 -8.23 36.60 22.57
C LYS C 142 -8.01 37.57 23.71
N ALA C 143 -7.76 37.04 24.91
CA ALA C 143 -7.53 37.85 26.09
C ALA C 143 -6.24 38.65 25.97
N LEU C 144 -5.25 38.07 25.28
CA LEU C 144 -3.97 38.74 25.09
C LEU C 144 -4.02 39.69 23.92
N GLY C 145 -5.02 39.50 23.05
CA GLY C 145 -5.15 40.35 21.89
C GLY C 145 -4.23 39.91 20.77
N ILE C 146 -4.08 38.60 20.61
CA ILE C 146 -3.23 38.05 19.56
C ILE C 146 -4.08 37.22 18.60
N ASP C 147 -3.80 37.33 17.31
CA ASP C 147 -4.52 36.56 16.31
C ASP C 147 -3.98 35.13 16.28
N ALA C 148 -4.85 34.16 16.00
CA ALA C 148 -4.43 32.76 15.95
C ALA C 148 -5.38 31.91 15.10
N ARG C 149 -4.83 31.21 14.10
CA ARG C 149 -5.65 30.34 13.23
C ARG C 149 -5.71 28.91 13.77
N VAL C 150 -6.91 28.34 13.80
CA VAL C 150 -7.10 26.98 14.27
C VAL C 150 -7.31 26.08 13.05
N GLY C 151 -6.56 24.98 12.97
CA GLY C 151 -6.71 24.09 11.82
C GLY C 151 -5.81 22.87 11.77
N ASN C 152 -5.55 22.39 10.55
CA ASN C 152 -4.71 21.21 10.34
C ASN C 152 -3.25 21.54 10.12
N LEU C 153 -2.39 20.71 10.67
CA LEU C 153 -0.94 20.84 10.51
C LEU C 153 -0.53 19.62 9.67
N PHE C 154 0.70 19.60 9.17
CA PHE C 154 1.18 18.45 8.42
C PHE C 154 2.54 18.11 9.02
N SER C 155 2.68 16.88 9.50
CA SER C 155 3.93 16.42 10.09
C SER C 155 4.74 15.64 9.07
N ALA C 156 5.83 16.25 8.60
CA ALA C 156 6.71 15.67 7.59
C ALA C 156 7.87 14.84 8.15
N ASP C 157 8.23 13.77 7.43
CA ASP C 157 9.34 12.92 7.84
C ASP C 157 10.60 13.45 7.17
N LEU C 158 10.43 14.03 5.99
CA LEU C 158 11.54 14.58 5.22
C LEU C 158 11.46 16.09 5.06
N PHE C 159 12.29 16.80 5.82
CA PHE C 159 12.33 18.26 5.75
C PHE C 159 12.64 18.61 4.30
N TYR C 160 13.55 17.85 3.69
CA TYR C 160 13.90 18.05 2.28
C TYR C 160 13.18 16.95 1.50
N SER C 161 11.94 17.22 1.12
CA SER C 161 11.11 16.27 0.38
C SER C 161 11.47 16.12 -1.09
N PRO C 162 11.47 14.89 -1.59
CA PRO C 162 11.79 14.61 -3.00
C PRO C 162 10.60 14.93 -3.91
N ASP C 163 9.43 15.14 -3.29
CA ASP C 163 8.20 15.44 -4.01
C ASP C 163 7.64 16.81 -3.62
N GLY C 164 7.88 17.80 -4.47
CA GLY C 164 7.39 19.13 -4.18
C GLY C 164 5.92 19.30 -4.54
N GLU C 165 5.43 18.44 -5.41
CA GLU C 165 4.04 18.50 -5.84
C GLU C 165 3.08 18.26 -4.67
N MET C 166 3.54 17.60 -3.61
CA MET C 166 2.70 17.33 -2.44
C MET C 166 2.30 18.62 -1.75
N PHE C 167 3.07 19.69 -2.00
CA PHE C 167 2.75 20.99 -1.41
C PHE C 167 1.46 21.54 -2.02
N ASP C 168 1.17 21.14 -3.25
CA ASP C 168 -0.05 21.56 -3.95
C ASP C 168 -1.26 20.94 -3.29
N VAL C 169 -1.12 19.67 -2.92
CA VAL C 169 -2.18 18.93 -2.25
C VAL C 169 -2.41 19.53 -0.86
N MET C 170 -1.32 19.83 -0.15
CA MET C 170 -1.41 20.43 1.18
C MET C 170 -2.19 21.74 1.12
N GLU C 171 -1.79 22.60 0.18
CA GLU C 171 -2.46 23.88 0.01
C GLU C 171 -3.93 23.68 -0.34
N LYS C 172 -4.21 22.77 -1.27
CA LYS C 172 -5.59 22.53 -1.64
C LYS C 172 -6.46 22.13 -0.47
N TYR C 173 -5.88 21.44 0.51
CA TYR C 173 -6.65 20.98 1.66
C TYR C 173 -6.55 21.87 2.90
N GLY C 174 -6.14 23.11 2.70
CA GLY C 174 -6.05 24.07 3.79
C GLY C 174 -5.07 23.85 4.93
N ILE C 175 -3.95 23.17 4.67
CA ILE C 175 -2.96 22.95 5.71
C ILE C 175 -2.36 24.30 6.10
N LEU C 176 -2.40 24.62 7.39
CA LEU C 176 -1.89 25.88 7.90
C LEU C 176 -0.38 25.89 8.14
N GLY C 177 0.20 24.74 8.46
CA GLY C 177 1.63 24.72 8.70
C GLY C 177 2.31 23.37 8.56
N VAL C 178 3.55 23.39 8.10
CA VAL C 178 4.32 22.16 7.95
C VAL C 178 5.40 22.09 9.03
N GLU C 179 5.35 21.05 9.86
CA GLU C 179 6.35 20.84 10.90
C GLU C 179 6.71 19.36 10.94
N MET C 180 7.29 18.86 12.03
CA MET C 180 7.70 17.44 12.05
C MET C 180 7.40 16.66 13.33
N GLU C 181 6.33 17.00 14.05
CA GLU C 181 6.08 16.30 15.31
C GLU C 181 4.63 16.07 15.74
N ALA C 182 3.75 17.04 15.50
CA ALA C 182 2.35 16.96 15.91
C ALA C 182 1.69 15.59 15.84
N ALA C 183 1.60 15.00 14.65
CA ALA C 183 0.96 13.70 14.48
C ALA C 183 1.57 12.63 15.39
N GLY C 184 2.86 12.74 15.66
CA GLY C 184 3.53 11.80 16.53
C GLY C 184 3.15 12.00 17.99
N ILE C 185 3.09 13.26 18.44
CA ILE C 185 2.73 13.58 19.82
C ILE C 185 1.29 13.15 20.11
N TYR C 186 0.39 13.40 19.17
CA TYR C 186 -1.00 13.02 19.35
C TYR C 186 -1.20 11.50 19.39
N GLY C 187 -0.38 10.75 18.66
CA GLY C 187 -0.52 9.30 18.67
C GLY C 187 -0.07 8.74 20.01
N VAL C 188 0.98 9.34 20.58
CA VAL C 188 1.53 8.93 21.86
C VAL C 188 0.57 9.28 23.00
N ALA C 189 0.03 10.49 22.97
CA ALA C 189 -0.92 10.92 24.00
C ALA C 189 -2.08 9.93 24.09
N ALA C 190 -2.56 9.45 22.95
CA ALA C 190 -3.66 8.50 22.89
C ALA C 190 -3.27 7.07 23.32
N GLU C 191 -2.08 6.64 22.92
CA GLU C 191 -1.60 5.31 23.29
C GLU C 191 -1.36 5.17 24.79
N PHE C 192 -0.66 6.14 25.38
CA PHE C 192 -0.34 6.11 26.80
C PHE C 192 -1.26 6.90 27.73
N GLY C 193 -2.38 7.40 27.18
CA GLY C 193 -3.35 8.12 27.97
C GLY C 193 -3.03 9.47 28.60
N ALA C 194 -2.80 10.50 27.79
CA ALA C 194 -2.54 11.85 28.31
C ALA C 194 -3.18 12.84 27.32
N LYS C 195 -3.07 14.14 27.59
CA LYS C 195 -3.64 15.15 26.69
C LYS C 195 -2.55 15.98 26.04
N ALA C 196 -2.76 16.39 24.79
CA ALA C 196 -1.74 17.19 24.10
C ALA C 196 -2.28 18.24 23.16
N LEU C 197 -1.43 19.24 22.89
CA LEU C 197 -1.77 20.34 21.99
C LEU C 197 -0.47 20.90 21.40
N THR C 198 -0.53 21.30 20.13
CA THR C 198 0.61 21.87 19.44
C THR C 198 0.32 23.30 18.98
N ILE C 199 1.23 24.21 19.32
CA ILE C 199 1.12 25.62 18.96
C ILE C 199 2.39 25.95 18.18
N CYS C 200 2.25 26.61 17.03
CA CYS C 200 3.41 26.95 16.22
C CYS C 200 3.43 28.36 15.67
N THR C 201 4.64 28.87 15.48
CA THR C 201 4.85 30.20 14.93
C THR C 201 5.44 30.00 13.54
N VAL C 202 4.78 30.56 12.53
CA VAL C 202 5.24 30.46 11.15
C VAL C 202 6.61 31.14 11.06
N SER C 203 7.66 30.34 10.88
CA SER C 203 9.03 30.85 10.83
C SER C 203 9.61 30.97 9.42
N ASP C 204 8.87 30.49 8.43
CA ASP C 204 9.33 30.58 7.06
C ASP C 204 8.19 30.30 6.10
N HIS C 205 8.37 30.63 4.83
CA HIS C 205 7.35 30.40 3.84
C HIS C 205 7.90 29.52 2.74
N ILE C 206 7.27 28.37 2.54
CA ILE C 206 7.69 27.41 1.53
C ILE C 206 7.59 27.91 0.09
N ARG C 207 6.66 28.82 -0.20
CA ARG C 207 6.54 29.33 -1.56
C ARG C 207 7.50 30.48 -1.82
N THR C 208 7.43 31.51 -0.98
CA THR C 208 8.26 32.70 -1.13
C THR C 208 9.72 32.49 -0.69
N HIS C 209 9.94 31.53 0.19
CA HIS C 209 11.28 31.21 0.69
C HIS C 209 11.84 32.19 1.73
N GLU C 210 11.01 33.05 2.29
CA GLU C 210 11.51 33.99 3.29
C GLU C 210 11.59 33.31 4.68
N GLN C 211 12.70 33.54 5.39
CA GLN C 211 12.91 32.97 6.72
C GLN C 211 13.10 33.99 7.84
N THR C 212 13.12 33.49 9.08
CA THR C 212 13.31 34.35 10.25
C THR C 212 14.76 34.28 10.73
N GLN C 218 15.41 30.52 18.88
CA GLN C 218 15.46 30.27 20.32
C GLN C 218 15.08 31.53 21.10
N THR C 219 14.65 32.55 20.37
CA THR C 219 14.25 33.83 20.97
C THR C 219 13.29 34.56 20.04
N THR C 220 12.54 35.50 20.60
CA THR C 220 11.58 36.34 19.87
C THR C 220 10.20 35.75 19.56
N PHE C 221 9.99 34.47 19.83
CA PHE C 221 8.68 33.85 19.58
C PHE C 221 7.90 33.81 20.90
N ASN C 222 7.83 34.95 21.56
CA ASN C 222 7.16 35.09 22.85
C ASN C 222 5.64 35.00 22.91
N ASP C 223 4.93 35.53 21.92
CA ASP C 223 3.47 35.47 21.94
C ASP C 223 3.00 34.03 22.06
N MET C 224 3.68 33.14 21.35
CA MET C 224 3.37 31.72 21.38
C MET C 224 3.46 31.21 22.82
N ILE C 225 4.58 31.53 23.48
CA ILE C 225 4.82 31.12 24.86
C ILE C 225 3.77 31.69 25.82
N LYS C 226 3.48 32.97 25.68
CA LYS C 226 2.51 33.66 26.53
C LYS C 226 1.12 33.02 26.42
N ILE C 227 0.72 32.63 25.20
CA ILE C 227 -0.58 31.99 24.99
C ILE C 227 -0.62 30.62 25.68
N ALA C 228 0.46 29.86 25.51
CA ALA C 228 0.58 28.53 26.10
C ALA C 228 0.50 28.54 27.62
N LEU C 229 1.32 29.37 28.25
CA LEU C 229 1.35 29.49 29.71
C LEU C 229 0.03 30.03 30.26
N GLU C 230 -0.53 30.99 29.54
CA GLU C 230 -1.79 31.58 29.97
C GLU C 230 -2.95 30.59 29.78
N SER C 231 -2.86 29.74 28.77
CA SER C 231 -3.92 28.77 28.50
C SER C 231 -3.97 27.70 29.59
N VAL C 232 -2.82 27.42 30.20
CA VAL C 232 -2.72 26.41 31.26
C VAL C 232 -3.49 26.86 32.50
N LEU C 233 -3.41 28.14 32.82
CA LEU C 233 -4.11 28.68 33.99
C LEU C 233 -5.62 28.64 33.77
N LEU C 234 -6.06 28.90 32.55
CA LEU C 234 -7.49 28.85 32.23
C LEU C 234 -7.97 27.42 32.47
N GLY C 235 -7.11 26.46 32.14
CA GLY C 235 -7.46 25.06 32.33
C GLY C 235 -7.54 24.67 33.78
N ASP C 236 -6.75 25.31 34.64
CA ASP C 236 -6.75 25.01 36.07
C ASP C 236 -8.05 25.43 36.76
N LYS C 237 -8.75 26.40 36.16
CA LYS C 237 -10.01 26.89 36.71
C LYS C 237 -11.19 26.01 36.29
#